data_2FJK
#
_entry.id   2FJK
#
_cell.length_a   98.900
_cell.length_b   113.100
_cell.length_c   115.700
_cell.angle_alpha   90.00
_cell.angle_beta   90.00
_cell.angle_gamma   90.00
#
_symmetry.space_group_name_H-M   'P 21 21 21'
#
loop_
_entity.id
_entity.type
_entity.pdbx_description
1 polymer 'Fructose-bisphosphate aldolase'
2 non-polymer 1,3-DIHYDROXYACETONEPHOSPHATE
3 water water
#
_entity_poly.entity_id   1
_entity_poly.type   'polypeptide(L)'
_entity_poly.pdbx_seq_one_letter_code
;(MSE)LVTGLEILRKARAEGYGVGAFNTNN(MSE)EFTQAILEAAEE(MSE)KSPVILALSEGA(MSE)KYGGRALTR
(MSE)VVALAQEARVPVAVHLDHGSSYESVLKALREGFTSV(MSE)IDKSHEDFETNVRETKRVVEAAHAVGVTVEAELG
RLAGIEEHVAVDEKDALLTNPEEARIF(MSE)ERTGADYLAVAIGTSHGAYKGKGRPFIDHPRLARIAKLVPAPLVLHGA
SAVPQELVERFRAAGGEIGEASGIHPEDIKKAISLGIAKINTDTDLRLAFTALVRETLGKNPKEFDPRKYLGPAREAVKE
VVKSR(MSE)ELFGSVGRA
;
_entity_poly.pdbx_strand_id   A,B,C,D
#
loop_
_chem_comp.id
_chem_comp.type
_chem_comp.name
_chem_comp.formula
13P non-polymer 1,3-DIHYDROXYACETONEPHOSPHATE 'C3 H7 O6 P'
#
# COMPACT_ATOMS: atom_id res chain seq x y z
N MSE A 1 4.13 3.15 14.34
CA MSE A 1 3.53 1.93 13.75
C MSE A 1 2.07 1.81 14.12
O MSE A 1 1.62 2.34 15.14
CB MSE A 1 4.28 0.67 14.19
CG MSE A 1 4.52 0.57 15.68
SE MSE A 1 5.13 -1.20 16.20
CE MSE A 1 6.54 -1.40 14.89
N LEU A 2 1.32 1.12 13.27
CA LEU A 2 -0.10 0.95 13.48
C LEU A 2 -0.39 0.01 14.65
N VAL A 3 -1.17 0.50 15.61
CA VAL A 3 -1.57 -0.28 16.78
C VAL A 3 -3.09 -0.13 17.04
N THR A 4 -3.65 -0.99 17.88
CA THR A 4 -5.09 -0.91 18.17
C THR A 4 -5.37 0.10 19.26
N GLY A 5 -4.35 0.46 20.02
CA GLY A 5 -4.56 1.45 21.06
C GLY A 5 -4.82 0.90 22.44
N LEU A 6 -5.47 -0.26 22.53
CA LEU A 6 -5.75 -0.85 23.84
C LEU A 6 -4.46 -0.89 24.64
N GLU A 7 -3.37 -1.31 24.00
CA GLU A 7 -2.07 -1.37 24.65
C GLU A 7 -1.60 0.06 24.92
N ILE A 8 -1.89 0.97 24.00
CA ILE A 8 -1.53 2.36 24.18
C ILE A 8 -2.24 2.88 25.42
N LEU A 9 -3.56 2.70 25.44
CA LEU A 9 -4.41 3.16 26.54
C LEU A 9 -4.20 2.42 27.86
N ARG A 10 -3.98 1.12 27.82
CA ARG A 10 -3.76 0.36 29.05
C ARG A 10 -2.57 0.90 29.80
N LYS A 11 -1.49 1.18 29.06
CA LYS A 11 -0.28 1.72 29.65
C LYS A 11 -0.49 3.16 30.09
N ALA A 12 -1.43 3.84 29.42
CA ALA A 12 -1.74 5.22 29.76
C ALA A 12 -2.34 5.29 31.16
N ARG A 13 -3.37 4.50 31.42
CA ARG A 13 -4.01 4.49 32.72
C ARG A 13 -3.10 3.88 33.78
N ALA A 14 -2.46 2.77 33.42
CA ALA A 14 -1.56 2.09 34.36
C ALA A 14 -0.47 3.04 34.86
N GLU A 15 -0.14 4.05 34.07
CA GLU A 15 0.90 5.00 34.46
C GLU A 15 0.38 6.41 34.77
N GLY A 16 -0.93 6.57 34.71
CA GLY A 16 -1.51 7.87 35.02
C GLY A 16 -1.25 9.01 34.06
N TYR A 17 -1.34 8.74 32.76
CA TYR A 17 -1.15 9.77 31.75
C TYR A 17 -2.15 9.48 30.63
N GLY A 18 -2.51 10.51 29.88
CA GLY A 18 -3.46 10.33 28.80
C GLY A 18 -2.88 10.45 27.41
N VAL A 19 -3.49 9.73 26.48
CA VAL A 19 -3.08 9.74 25.09
C VAL A 19 -4.08 10.56 24.31
N GLY A 20 -3.58 11.48 23.51
CA GLY A 20 -4.47 12.33 22.73
C GLY A 20 -5.03 11.70 21.46
N ALA A 21 -6.32 11.89 21.23
CA ALA A 21 -6.98 11.41 20.02
C ALA A 21 -7.29 12.72 19.32
N PHE A 22 -6.90 12.82 18.05
CA PHE A 22 -7.13 14.05 17.31
C PHE A 22 -7.85 13.81 16.00
N ASN A 23 -8.90 14.58 15.77
CA ASN A 23 -9.70 14.45 14.57
C ASN A 23 -8.98 15.03 13.38
N THR A 24 -9.11 14.34 12.25
CA THR A 24 -8.46 14.75 11.00
C THR A 24 -9.48 14.65 9.89
N ASN A 25 -9.32 15.50 8.88
CA ASN A 25 -10.22 15.48 7.74
C ASN A 25 -9.47 15.55 6.41
N ASN A 26 -8.16 15.80 6.45
CA ASN A 26 -7.39 15.86 5.23
C ASN A 26 -5.90 15.61 5.47
N MSE A 27 -5.09 15.95 4.47
CA MSE A 27 -3.65 15.77 4.56
C MSE A 27 -3.01 16.67 5.61
O MSE A 27 -2.34 16.19 6.53
CB MSE A 27 -2.98 16.04 3.21
CG MSE A 27 -1.50 15.64 3.17
SE MSE A 27 -0.66 16.22 1.52
CE MSE A 27 -1.82 15.27 0.28
N GLU A 28 -3.21 17.98 5.49
CA GLU A 28 -2.62 18.93 6.44
C GLU A 28 -2.83 18.61 7.91
N PHE A 29 -4.04 18.19 8.28
CA PHE A 29 -4.30 17.85 9.68
C PHE A 29 -3.58 16.58 10.07
N THR A 30 -3.51 15.61 9.15
CA THR A 30 -2.86 14.35 9.48
C THR A 30 -1.37 14.53 9.69
N GLN A 31 -0.75 15.38 8.86
CA GLN A 31 0.68 15.64 8.96
C GLN A 31 0.99 16.34 10.28
N ALA A 32 0.22 17.38 10.59
CA ALA A 32 0.42 18.14 11.82
C ALA A 32 0.34 17.24 13.05
N ILE A 33 -0.71 16.43 13.09
CA ILE A 33 -0.89 15.53 14.22
C ILE A 33 0.26 14.54 14.37
N LEU A 34 0.59 13.84 13.29
CA LEU A 34 1.67 12.85 13.30
C LEU A 34 3.05 13.43 13.54
N GLU A 35 3.32 14.63 13.02
CA GLU A 35 4.61 15.25 13.21
C GLU A 35 4.73 15.63 14.68
N ALA A 36 3.64 16.19 15.22
CA ALA A 36 3.62 16.57 16.62
C ALA A 36 3.92 15.30 17.42
N ALA A 37 3.39 14.17 16.97
CA ALA A 37 3.62 12.90 17.65
C ALA A 37 5.09 12.45 17.56
N GLU A 38 5.71 12.59 16.38
CA GLU A 38 7.12 12.19 16.22
C GLU A 38 7.91 13.08 17.17
N GLU A 39 7.68 14.39 17.10
CA GLU A 39 8.33 15.29 18.05
C GLU A 39 7.62 14.89 19.34
N MSE A 40 8.20 15.15 20.49
CA MSE A 40 7.53 14.76 21.73
C MSE A 40 7.56 13.25 21.95
O MSE A 40 7.28 12.78 23.05
CB MSE A 40 6.07 15.23 21.75
CG MSE A 40 5.82 16.49 22.55
SE MSE A 40 6.57 18.05 21.74
CE MSE A 40 8.41 17.82 22.28
N LYS A 41 7.91 12.49 20.91
CA LYS A 41 7.97 11.03 21.00
C LYS A 41 6.77 10.52 21.77
N SER A 42 5.57 10.86 21.30
CA SER A 42 4.35 10.45 21.98
C SER A 42 3.45 9.53 21.19
N PRO A 43 2.75 8.63 21.89
CA PRO A 43 1.84 7.72 21.18
C PRO A 43 0.71 8.63 20.75
N VAL A 44 -0.07 8.26 19.75
CA VAL A 44 -1.16 9.12 19.30
C VAL A 44 -2.27 8.34 18.62
N ILE A 45 -3.47 8.91 18.62
CA ILE A 45 -4.62 8.29 17.99
C ILE A 45 -5.18 9.22 16.91
N LEU A 46 -5.34 8.70 15.70
CA LEU A 46 -5.90 9.48 14.61
C LEU A 46 -7.40 9.17 14.60
N ALA A 47 -8.22 10.18 14.90
CA ALA A 47 -9.66 10.01 14.95
C ALA A 47 -10.36 10.52 13.71
N LEU A 48 -11.25 9.71 13.17
CA LEU A 48 -12.01 10.12 12.01
C LEU A 48 -13.49 9.92 12.22
N SER A 49 -14.24 11.01 12.25
CA SER A 49 -15.69 10.92 12.43
C SER A 49 -16.26 10.35 11.15
N GLU A 50 -17.57 10.19 11.11
CA GLU A 50 -18.23 9.69 9.91
C GLU A 50 -18.19 10.82 8.89
N GLY A 51 -18.14 12.06 9.38
CA GLY A 51 -18.08 13.21 8.50
C GLY A 51 -16.72 13.23 7.81
N ALA A 52 -15.67 12.89 8.56
CA ALA A 52 -14.33 12.85 8.02
C ALA A 52 -14.29 11.80 6.91
N MSE A 53 -14.83 10.63 7.20
CA MSE A 53 -14.85 9.57 6.20
C MSE A 53 -15.60 9.93 4.93
O MSE A 53 -15.17 9.57 3.84
CB MSE A 53 -15.41 8.29 6.82
CG MSE A 53 -14.38 7.57 7.69
SE MSE A 53 -15.08 5.96 8.44
CE MSE A 53 -14.71 4.75 6.96
N LYS A 54 -16.71 10.65 5.06
CA LYS A 54 -17.47 11.07 3.89
C LYS A 54 -16.68 12.13 3.13
N TYR A 55 -16.18 13.12 3.86
CA TYR A 55 -15.39 14.21 3.27
C TYR A 55 -14.08 13.72 2.66
N GLY A 56 -13.36 12.89 3.41
CA GLY A 56 -12.09 12.38 2.94
C GLY A 56 -12.15 11.18 2.02
N GLY A 57 -13.10 10.29 2.26
CA GLY A 57 -13.22 9.10 1.43
C GLY A 57 -11.99 8.22 1.48
N ARG A 58 -11.80 7.42 0.44
CA ARG A 58 -10.68 6.50 0.34
C ARG A 58 -9.33 7.22 0.42
N ALA A 59 -9.26 8.42 -0.15
CA ALA A 59 -8.03 9.18 -0.10
C ALA A 59 -7.58 9.33 1.34
N LEU A 60 -8.49 9.82 2.19
CA LEU A 60 -8.18 10.02 3.59
C LEU A 60 -7.90 8.74 4.37
N THR A 61 -8.80 7.77 4.26
CA THR A 61 -8.63 6.52 4.99
C THR A 61 -7.36 5.78 4.61
N ARG A 62 -7.07 5.71 3.32
CA ARG A 62 -5.87 5.01 2.84
C ARG A 62 -4.62 5.70 3.35
N MSE A 63 -4.62 7.02 3.29
CA MSE A 63 -3.49 7.82 3.74
C MSE A 63 -3.24 7.69 5.25
O MSE A 63 -2.10 7.54 5.69
CB MSE A 63 -3.69 9.29 3.38
CG MSE A 63 -2.56 10.18 3.86
SE MSE A 63 -2.95 12.04 3.66
CE MSE A 63 -2.05 12.38 2.01
N VAL A 64 -4.31 7.78 6.04
CA VAL A 64 -4.18 7.70 7.49
C VAL A 64 -3.63 6.33 7.95
N VAL A 65 -4.11 5.24 7.38
CA VAL A 65 -3.61 3.91 7.75
C VAL A 65 -2.13 3.90 7.37
N ALA A 66 -1.83 4.22 6.13
CA ALA A 66 -0.43 4.30 5.70
C ALA A 66 -0.04 5.50 6.56
N LEU A 67 1.23 5.85 6.65
CA LEU A 67 1.61 6.96 7.52
C LEU A 67 1.51 6.49 8.97
N ALA A 68 0.36 5.97 9.38
CA ALA A 68 0.23 5.46 10.75
C ALA A 68 1.25 4.34 10.89
N GLN A 69 1.27 3.47 9.87
CA GLN A 69 2.18 2.33 9.82
C GLN A 69 3.62 2.87 9.80
N GLU A 70 3.89 3.78 8.87
CA GLU A 70 5.21 4.38 8.69
C GLU A 70 5.76 5.13 9.90
N ALA A 71 4.87 5.65 10.74
CA ALA A 71 5.28 6.41 11.93
C ALA A 71 6.23 5.64 12.86
N ARG A 72 7.07 6.38 13.57
CA ARG A 72 8.04 5.80 14.49
C ARG A 72 7.55 5.79 15.94
N VAL A 73 6.27 6.10 16.14
CA VAL A 73 5.67 6.10 17.47
C VAL A 73 4.39 5.29 17.35
N PRO A 74 3.82 4.83 18.48
CA PRO A 74 2.58 4.04 18.38
C PRO A 74 1.43 4.92 17.89
N VAL A 75 0.74 4.46 16.85
CA VAL A 75 -0.37 5.21 16.29
C VAL A 75 -1.59 4.32 16.09
N ALA A 76 -2.75 4.79 16.57
CA ALA A 76 -4.01 4.05 16.41
C ALA A 76 -4.92 4.89 15.54
N VAL A 77 -5.72 4.22 14.71
CA VAL A 77 -6.67 4.89 13.83
C VAL A 77 -8.09 4.47 14.29
N HIS A 78 -8.80 5.39 14.95
CA HIS A 78 -10.15 5.14 15.47
C HIS A 78 -11.30 5.81 14.73
N LEU A 79 -12.45 5.14 14.70
CA LEU A 79 -13.64 5.67 14.03
C LEU A 79 -14.26 6.86 14.78
N ASP A 80 -14.60 6.71 16.04
CA ASP A 80 -15.17 7.85 16.78
C ASP A 80 -16.67 8.12 16.49
N HIS A 81 -17.50 7.76 17.44
CA HIS A 81 -18.94 7.96 17.35
C HIS A 81 -19.55 7.38 16.08
N GLY A 82 -19.32 6.09 15.84
CA GLY A 82 -19.90 5.45 14.68
C GLY A 82 -21.40 5.48 14.89
N SER A 83 -22.15 5.75 13.83
CA SER A 83 -23.61 5.85 13.92
C SER A 83 -24.33 4.51 13.79
N SER A 84 -23.70 3.56 13.10
CA SER A 84 -24.34 2.27 12.90
C SER A 84 -23.39 1.09 12.76
N TYR A 85 -23.97 -0.09 12.63
CA TYR A 85 -23.20 -1.30 12.48
C TYR A 85 -22.49 -1.20 11.12
N GLU A 86 -23.23 -0.78 10.11
CA GLU A 86 -22.70 -0.63 8.76
C GLU A 86 -21.58 0.39 8.71
N SER A 87 -21.64 1.38 9.60
CA SER A 87 -20.62 2.42 9.66
C SER A 87 -19.34 1.79 10.20
N VAL A 88 -19.50 0.93 11.20
CA VAL A 88 -18.36 0.25 11.79
C VAL A 88 -17.76 -0.72 10.77
N LEU A 89 -18.62 -1.35 9.97
CA LEU A 89 -18.14 -2.28 8.96
C LEU A 89 -17.31 -1.56 7.91
N LYS A 90 -17.70 -0.33 7.58
CA LYS A 90 -16.94 0.46 6.61
C LYS A 90 -15.58 0.80 7.21
N ALA A 91 -15.57 1.07 8.51
CA ALA A 91 -14.32 1.41 9.19
C ALA A 91 -13.37 0.18 9.23
N LEU A 92 -13.93 -1.01 9.45
CA LEU A 92 -13.13 -2.24 9.49
C LEU A 92 -12.52 -2.49 8.11
N ARG A 93 -13.35 -2.26 7.10
CA ARG A 93 -12.97 -2.42 5.69
C ARG A 93 -11.84 -1.46 5.29
N GLU A 94 -11.81 -0.28 5.89
CA GLU A 94 -10.79 0.70 5.57
C GLU A 94 -9.56 0.60 6.47
N GLY A 95 -9.44 -0.50 7.21
CA GLY A 95 -8.26 -0.69 8.06
C GLY A 95 -8.14 -0.04 9.42
N PHE A 96 -9.22 0.52 9.95
CA PHE A 96 -9.15 1.15 11.27
C PHE A 96 -8.78 0.08 12.27
N THR A 97 -8.03 0.48 13.29
CA THR A 97 -7.57 -0.45 14.32
C THR A 97 -8.43 -0.42 15.59
N SER A 98 -9.41 0.47 15.59
CA SER A 98 -10.34 0.61 16.70
C SER A 98 -11.59 1.32 16.23
N VAL A 99 -12.76 0.76 16.57
CA VAL A 99 -14.01 1.37 16.17
C VAL A 99 -14.85 1.72 17.38
N MSE A 100 -15.85 2.55 17.13
CA MSE A 100 -16.72 2.99 18.19
C MSE A 100 -18.13 3.16 17.67
O MSE A 100 -18.37 3.78 16.63
CB MSE A 100 -16.22 4.32 18.73
CG MSE A 100 -17.03 4.85 19.87
SE MSE A 100 -16.51 6.64 20.21
CE MSE A 100 -14.58 6.46 20.04
N ILE A 101 -19.08 2.60 18.41
CA ILE A 101 -20.47 2.71 18.07
C ILE A 101 -21.09 3.57 19.15
N ASP A 102 -21.87 4.57 18.75
CA ASP A 102 -22.51 5.43 19.72
C ASP A 102 -24.01 5.19 19.79
N LYS A 103 -24.43 4.48 20.83
CA LYS A 103 -25.84 4.18 21.05
C LYS A 103 -26.17 4.61 22.47
N SER A 104 -25.53 5.68 22.91
CA SER A 104 -25.73 6.21 24.25
C SER A 104 -27.14 6.76 24.43
N HIS A 105 -27.73 7.25 23.34
CA HIS A 105 -29.08 7.82 23.38
C HIS A 105 -30.16 6.75 23.50
N GLU A 106 -29.82 5.49 23.21
CA GLU A 106 -30.78 4.39 23.30
C GLU A 106 -30.85 3.82 24.70
N ASP A 107 -31.92 3.09 25.01
CA ASP A 107 -32.06 2.50 26.33
C ASP A 107 -30.90 1.53 26.53
N PHE A 108 -30.64 1.16 27.78
CA PHE A 108 -29.53 0.27 28.11
C PHE A 108 -29.45 -1.02 27.31
N GLU A 109 -30.56 -1.75 27.21
CA GLU A 109 -30.57 -3.01 26.48
C GLU A 109 -30.22 -2.87 25.01
N THR A 110 -30.74 -1.83 24.37
CA THR A 110 -30.45 -1.61 22.96
C THR A 110 -29.00 -1.19 22.76
N ASN A 111 -28.47 -0.42 23.70
CA ASN A 111 -27.09 0.05 23.64
C ASN A 111 -26.22 -1.19 23.72
N VAL A 112 -26.43 -1.98 24.77
CA VAL A 112 -25.70 -3.22 24.99
C VAL A 112 -25.80 -4.12 23.76
N ARG A 113 -27.00 -4.27 23.24
CA ARG A 113 -27.23 -5.11 22.07
C ARG A 113 -26.40 -4.65 20.87
N GLU A 114 -26.56 -3.38 20.49
CA GLU A 114 -25.82 -2.82 19.37
C GLU A 114 -24.31 -2.89 19.59
N THR A 115 -23.86 -2.41 20.74
CA THR A 115 -22.43 -2.42 21.08
C THR A 115 -21.82 -3.81 21.00
N LYS A 116 -22.50 -4.77 21.61
CA LYS A 116 -22.04 -6.16 21.63
C LYS A 116 -21.87 -6.70 20.22
N ARG A 117 -22.80 -6.36 19.34
CA ARG A 117 -22.74 -6.80 17.95
C ARG A 117 -21.48 -6.25 17.29
N VAL A 118 -21.10 -5.04 17.69
CA VAL A 118 -19.92 -4.38 17.14
C VAL A 118 -18.65 -5.02 17.66
N VAL A 119 -18.66 -5.41 18.92
CA VAL A 119 -17.49 -6.04 19.53
C VAL A 119 -17.18 -7.37 18.85
N GLU A 120 -18.23 -8.11 18.54
CA GLU A 120 -18.06 -9.40 17.89
C GLU A 120 -17.46 -9.22 16.50
N ALA A 121 -17.96 -8.23 15.77
CA ALA A 121 -17.46 -7.95 14.42
C ALA A 121 -16.01 -7.47 14.47
N ALA A 122 -15.76 -6.51 15.35
CA ALA A 122 -14.42 -5.96 15.50
C ALA A 122 -13.42 -7.00 15.98
N HIS A 123 -13.71 -7.67 17.09
CA HIS A 123 -12.78 -8.66 17.60
C HIS A 123 -12.53 -9.82 16.65
N ALA A 124 -13.48 -10.11 15.77
CA ALA A 124 -13.27 -11.19 14.81
C ALA A 124 -12.12 -10.83 13.89
N VAL A 125 -11.87 -9.53 13.71
CA VAL A 125 -10.79 -9.07 12.85
C VAL A 125 -9.67 -8.29 13.59
N GLY A 126 -9.46 -8.63 14.86
CA GLY A 126 -8.40 -7.99 15.63
C GLY A 126 -8.48 -6.48 15.85
N VAL A 127 -9.68 -5.93 15.83
CA VAL A 127 -9.87 -4.50 16.05
C VAL A 127 -10.51 -4.27 17.42
N THR A 128 -10.10 -3.21 18.11
CA THR A 128 -10.68 -2.91 19.43
C THR A 128 -11.94 -2.05 19.32
N VAL A 129 -12.72 -2.02 20.39
CA VAL A 129 -13.97 -1.28 20.38
C VAL A 129 -14.15 -0.36 21.57
N GLU A 130 -14.56 0.87 21.29
CA GLU A 130 -14.85 1.83 22.33
C GLU A 130 -16.37 1.96 22.36
N ALA A 131 -16.94 2.12 23.54
CA ALA A 131 -18.38 2.26 23.65
C ALA A 131 -18.67 3.35 24.66
N GLU A 132 -19.82 3.99 24.54
CA GLU A 132 -20.14 5.04 25.51
C GLU A 132 -21.48 4.83 26.20
N LEU A 133 -21.48 5.17 27.49
CA LEU A 133 -22.67 5.06 28.32
C LEU A 133 -22.89 6.46 28.92
N GLY A 134 -24.10 6.98 28.75
CA GLY A 134 -24.39 8.31 29.26
C GLY A 134 -24.25 9.30 28.13
N ARG A 135 -25.06 10.37 28.15
CA ARG A 135 -25.01 11.37 27.09
C ARG A 135 -24.00 12.46 27.41
N LEU A 136 -23.20 12.83 26.42
CA LEU A 136 -22.19 13.87 26.60
C LEU A 136 -22.83 15.24 26.60
N ALA A 137 -23.44 15.59 27.73
CA ALA A 137 -24.09 16.88 27.88
C ALA A 137 -23.54 17.53 29.13
N GLY A 138 -23.40 18.85 29.09
CA GLY A 138 -22.90 19.56 30.26
C GLY A 138 -23.97 19.62 31.32
N ILE A 139 -23.56 19.93 32.55
CA ILE A 139 -24.48 20.05 33.68
C ILE A 139 -23.92 21.03 34.70
N GLU A 140 -24.82 21.79 35.32
CA GLU A 140 -24.40 22.75 36.34
C GLU A 140 -24.33 22.04 37.67
N GLU A 141 -23.97 22.76 38.72
CA GLU A 141 -23.87 22.19 40.05
C GLU A 141 -25.14 22.44 40.84
N HIS A 142 -26.26 22.53 40.15
CA HIS A 142 -27.55 22.77 40.78
C HIS A 142 -28.38 21.49 40.73
N VAL A 143 -28.44 20.89 39.54
CA VAL A 143 -29.20 19.67 39.33
C VAL A 143 -28.85 18.58 40.36
N ALA A 144 -29.87 17.95 40.91
CA ALA A 144 -29.66 16.89 41.90
C ALA A 144 -29.79 15.51 41.25
N VAL A 145 -30.98 14.93 41.33
CA VAL A 145 -31.23 13.61 40.76
C VAL A 145 -31.04 13.64 39.24
N ASP A 146 -30.83 14.83 38.70
CA ASP A 146 -30.64 15.00 37.25
C ASP A 146 -29.24 14.59 36.81
N GLU A 147 -28.22 15.20 37.42
CA GLU A 147 -26.84 14.88 37.07
C GLU A 147 -26.49 13.50 37.64
N LYS A 148 -27.52 12.67 37.79
CA LYS A 148 -27.35 11.32 38.31
C LYS A 148 -27.75 10.32 37.24
N ASP A 149 -28.93 9.73 37.39
CA ASP A 149 -29.41 8.76 36.42
C ASP A 149 -29.87 9.42 35.13
N ALA A 150 -30.47 10.61 35.25
CA ALA A 150 -30.96 11.32 34.08
C ALA A 150 -29.86 11.39 33.04
N LEU A 151 -28.81 12.15 33.34
CA LEU A 151 -27.69 12.31 32.45
C LEU A 151 -26.44 11.82 33.18
N LEU A 152 -25.33 11.73 32.45
CA LEU A 152 -24.05 11.30 33.01
C LEU A 152 -24.00 9.83 33.39
N THR A 153 -22.85 9.22 33.11
CA THR A 153 -22.60 7.81 33.39
C THR A 153 -22.77 7.40 34.84
N ASN A 154 -23.45 6.28 35.05
CA ASN A 154 -23.68 5.73 36.38
C ASN A 154 -22.68 4.57 36.51
N PRO A 155 -21.74 4.66 37.46
CA PRO A 155 -20.74 3.60 37.67
C PRO A 155 -21.23 2.16 37.59
N GLU A 156 -22.16 1.79 38.46
CA GLU A 156 -22.68 0.42 38.45
C GLU A 156 -23.08 0.00 37.03
N GLU A 157 -23.79 0.89 36.35
CA GLU A 157 -24.23 0.62 34.99
C GLU A 157 -23.01 0.42 34.10
N ALA A 158 -21.98 1.21 34.35
CA ALA A 158 -20.75 1.14 33.58
C ALA A 158 -20.12 -0.25 33.61
N ARG A 159 -19.91 -0.79 34.81
CA ARG A 159 -19.32 -2.12 34.94
C ARG A 159 -20.14 -3.15 34.18
N ILE A 160 -21.46 -3.11 34.40
CA ILE A 160 -22.38 -4.04 33.76
C ILE A 160 -22.37 -3.89 32.24
N PHE A 161 -22.38 -2.65 31.76
CA PHE A 161 -22.36 -2.38 30.32
C PHE A 161 -21.09 -3.00 29.74
N MSE A 162 -19.96 -2.71 30.37
CA MSE A 162 -18.66 -3.22 29.94
C MSE A 162 -18.55 -4.74 29.98
O MSE A 162 -17.88 -5.35 29.16
CB MSE A 162 -17.55 -2.58 30.77
CG MSE A 162 -17.30 -1.13 30.43
SE MSE A 162 -16.81 -0.93 28.56
CE MSE A 162 -14.88 -1.01 28.78
N GLU A 163 -19.22 -5.37 30.95
CA GLU A 163 -19.17 -6.82 31.04
C GLU A 163 -20.07 -7.50 30.02
N ARG A 164 -21.30 -6.99 29.84
CA ARG A 164 -22.23 -7.59 28.88
C ARG A 164 -21.75 -7.40 27.44
N THR A 165 -21.02 -6.32 27.20
CA THR A 165 -20.47 -6.07 25.88
C THR A 165 -18.99 -6.42 26.02
N GLY A 166 -18.30 -6.69 24.93
CA GLY A 166 -16.88 -7.00 25.06
C GLY A 166 -16.03 -5.77 24.83
N ALA A 167 -16.62 -4.59 24.94
CA ALA A 167 -15.88 -3.35 24.71
C ALA A 167 -14.55 -3.29 25.45
N ASP A 168 -13.59 -2.58 24.86
CA ASP A 168 -12.26 -2.45 25.40
C ASP A 168 -11.97 -1.12 26.13
N TYR A 169 -12.69 -0.06 25.81
CA TYR A 169 -12.41 1.24 26.43
C TYR A 169 -13.46 1.87 27.34
N LEU A 170 -14.50 2.43 26.73
CA LEU A 170 -15.60 3.10 27.44
C LEU A 170 -15.43 4.60 27.63
N ALA A 171 -16.23 5.35 26.87
CA ALA A 171 -16.23 6.80 26.95
C ALA A 171 -17.25 7.16 28.03
N VAL A 172 -16.89 8.02 28.96
CA VAL A 172 -17.81 8.38 30.03
C VAL A 172 -18.36 9.81 29.94
N ALA A 173 -19.54 9.98 30.51
CA ALA A 173 -20.22 11.28 30.53
C ALA A 173 -20.10 11.90 31.92
N ILE A 174 -19.26 12.91 32.06
CA ILE A 174 -19.07 13.54 33.37
C ILE A 174 -19.08 15.05 33.34
N GLY A 175 -19.71 15.63 32.34
CA GLY A 175 -19.78 17.07 32.26
C GLY A 175 -19.23 17.72 31.01
N THR A 176 -18.60 16.95 30.11
CA THR A 176 -18.06 17.50 28.87
C THR A 176 -19.07 17.42 27.74
N SER A 177 -18.83 18.18 26.66
CA SER A 177 -19.71 18.20 25.50
C SER A 177 -18.96 18.82 24.33
N HIS A 178 -19.33 18.46 23.10
CA HIS A 178 -18.66 18.97 21.90
C HIS A 178 -18.92 20.45 21.59
N GLY A 179 -18.07 21.02 20.74
CA GLY A 179 -18.27 22.41 20.36
C GLY A 179 -17.52 23.43 21.19
N ALA A 180 -17.64 24.69 20.79
CA ALA A 180 -16.94 25.77 21.48
C ALA A 180 -17.73 26.38 22.64
N TYR A 181 -18.90 25.83 22.98
CA TYR A 181 -19.69 26.38 24.07
C TYR A 181 -20.01 25.31 25.10
N LYS A 182 -18.99 24.95 25.87
CA LYS A 182 -19.13 23.89 26.87
C LYS A 182 -19.77 24.29 28.21
N GLY A 183 -20.12 25.57 28.36
CA GLY A 183 -20.75 26.00 29.60
C GLY A 183 -20.28 27.35 30.16
N LYS A 184 -21.21 28.13 30.72
CA LYS A 184 -20.86 29.43 31.27
C LYS A 184 -19.76 29.27 32.31
N GLY A 185 -18.74 30.13 32.25
CA GLY A 185 -17.65 30.02 33.18
C GLY A 185 -17.03 28.65 33.01
N ARG A 186 -16.36 28.16 34.06
CA ARG A 186 -15.72 26.86 34.01
C ARG A 186 -16.78 25.76 34.11
N PRO A 187 -17.00 25.02 33.02
CA PRO A 187 -17.99 23.93 33.00
C PRO A 187 -17.69 22.87 34.06
N PHE A 188 -18.71 22.50 34.83
CA PHE A 188 -18.53 21.53 35.88
C PHE A 188 -18.20 20.12 35.41
N ILE A 189 -17.17 19.54 36.01
CA ILE A 189 -16.77 18.19 35.67
C ILE A 189 -16.98 17.35 36.92
N ASP A 190 -17.80 16.31 36.81
CA ASP A 190 -18.10 15.44 37.94
C ASP A 190 -16.94 14.50 38.22
N HIS A 191 -15.93 15.01 38.91
CA HIS A 191 -14.75 14.20 39.22
C HIS A 191 -15.03 13.02 40.15
N PRO A 192 -15.88 13.20 41.17
CA PRO A 192 -16.18 12.09 42.07
C PRO A 192 -16.82 10.96 41.28
N ARG A 193 -17.71 11.34 40.36
CA ARG A 193 -18.39 10.37 39.52
C ARG A 193 -17.37 9.59 38.69
N LEU A 194 -16.40 10.31 38.13
CA LEU A 194 -15.36 9.67 37.33
C LEU A 194 -14.61 8.68 38.22
N ALA A 195 -14.31 9.12 39.44
CA ALA A 195 -13.59 8.29 40.40
C ALA A 195 -14.33 6.98 40.70
N ARG A 196 -15.64 7.05 40.89
CA ARG A 196 -16.44 5.85 41.19
C ARG A 196 -16.44 4.88 40.00
N ILE A 197 -16.65 5.43 38.81
CA ILE A 197 -16.70 4.63 37.59
C ILE A 197 -15.37 3.91 37.36
N ALA A 198 -14.26 4.61 37.66
CA ALA A 198 -12.94 4.04 37.48
C ALA A 198 -12.72 2.87 38.44
N LYS A 199 -13.21 3.03 39.66
CA LYS A 199 -13.08 2.00 40.68
C LYS A 199 -13.82 0.73 40.30
N LEU A 200 -14.82 0.86 39.44
CA LEU A 200 -15.60 -0.29 39.02
C LEU A 200 -15.25 -0.77 37.62
N VAL A 201 -14.68 0.13 36.82
CA VAL A 201 -14.30 -0.21 35.45
C VAL A 201 -12.81 -0.05 35.27
N PRO A 202 -12.08 -1.17 35.26
CA PRO A 202 -10.62 -1.20 35.10
C PRO A 202 -10.14 -0.80 33.69
N ALA A 203 -10.94 -1.14 32.68
CA ALA A 203 -10.60 -0.81 31.30
C ALA A 203 -10.26 0.68 31.15
N PRO A 204 -9.49 1.03 30.12
CA PRO A 204 -9.16 2.45 29.96
C PRO A 204 -10.40 3.32 29.72
N LEU A 205 -10.43 4.50 30.33
CA LEU A 205 -11.55 5.42 30.16
C LEU A 205 -11.29 6.46 29.09
N VAL A 206 -12.38 6.94 28.48
CA VAL A 206 -12.28 7.91 27.40
C VAL A 206 -13.08 9.19 27.63
N LEU A 207 -12.45 10.32 27.34
CA LEU A 207 -13.10 11.61 27.52
C LEU A 207 -13.26 12.39 26.21
N HIS A 208 -14.49 12.54 25.74
CA HIS A 208 -14.74 13.29 24.51
C HIS A 208 -15.13 14.72 24.84
N GLY A 209 -15.33 15.52 23.80
CA GLY A 209 -15.72 16.91 23.97
C GLY A 209 -14.79 17.57 24.98
N ALA A 210 -13.50 17.29 24.85
CA ALA A 210 -12.53 17.82 25.79
C ALA A 210 -11.68 18.99 25.35
N SER A 211 -12.07 19.67 24.27
CA SER A 211 -11.29 20.82 23.83
C SER A 211 -11.19 21.89 24.93
N ALA A 212 -10.12 22.68 24.90
CA ALA A 212 -9.90 23.72 25.89
C ALA A 212 -10.45 25.06 25.41
N VAL A 213 -10.54 25.21 24.09
CA VAL A 213 -11.06 26.44 23.50
C VAL A 213 -10.43 27.65 24.19
N PRO A 214 -9.08 27.72 24.20
CA PRO A 214 -8.32 28.81 24.82
C PRO A 214 -8.76 30.20 24.40
N GLN A 215 -8.85 31.09 25.39
CA GLN A 215 -9.29 32.46 25.17
C GLN A 215 -8.45 33.17 24.11
N GLU A 216 -7.14 33.08 24.24
CA GLU A 216 -6.25 33.71 23.27
C GLU A 216 -6.61 33.28 21.86
N LEU A 217 -6.92 31.99 21.70
CA LEU A 217 -7.28 31.45 20.39
C LEU A 217 -8.59 32.10 19.95
N VAL A 218 -9.56 32.13 20.85
CA VAL A 218 -10.86 32.74 20.55
C VAL A 218 -10.60 34.17 20.04
N GLU A 219 -9.81 34.93 20.78
CA GLU A 219 -9.50 36.32 20.43
C GLU A 219 -8.70 36.45 19.14
N ARG A 220 -7.85 35.47 18.87
CA ARG A 220 -7.04 35.48 17.65
C ARG A 220 -7.98 35.27 16.47
N PHE A 221 -8.97 34.40 16.67
CA PHE A 221 -9.96 34.09 15.65
C PHE A 221 -10.80 35.34 15.36
N ARG A 222 -11.27 36.00 16.42
CA ARG A 222 -12.07 37.20 16.26
C ARG A 222 -11.23 38.29 15.63
N ALA A 223 -9.97 38.39 16.06
CA ALA A 223 -9.06 39.41 15.54
C ALA A 223 -8.90 39.31 14.02
N ALA A 224 -9.07 38.10 13.48
CA ALA A 224 -8.99 37.89 12.03
C ALA A 224 -10.43 37.85 11.56
N GLY A 225 -10.78 36.88 10.70
CA GLY A 225 -12.15 36.79 10.24
C GLY A 225 -13.13 37.15 11.34
N GLY A 226 -13.14 36.38 12.42
CA GLY A 226 -13.99 36.69 13.55
C GLY A 226 -15.31 35.97 13.77
N GLU A 227 -16.12 36.58 14.62
CA GLU A 227 -17.44 36.07 15.00
C GLU A 227 -17.54 34.69 15.65
N ILE A 228 -17.52 34.72 16.97
CA ILE A 228 -17.63 33.54 17.82
C ILE A 228 -18.16 34.09 19.15
N GLY A 229 -18.96 33.30 19.86
CA GLY A 229 -19.51 33.80 21.11
C GLY A 229 -18.64 33.63 22.34
N GLU A 230 -19.29 33.40 23.48
CA GLU A 230 -18.56 33.20 24.72
C GLU A 230 -18.00 31.79 24.71
N ALA A 231 -17.00 31.57 23.87
CA ALA A 231 -16.37 30.25 23.78
C ALA A 231 -15.90 29.87 25.17
N SER A 232 -16.15 28.63 25.54
CA SER A 232 -15.77 28.13 26.86
C SER A 232 -15.42 26.65 26.70
N GLY A 233 -14.20 26.28 27.07
CA GLY A 233 -13.80 24.89 26.95
C GLY A 233 -13.55 24.27 28.29
N ILE A 234 -13.11 23.01 28.30
CA ILE A 234 -12.84 22.31 29.55
C ILE A 234 -11.54 22.82 30.14
N HIS A 235 -11.56 23.12 31.43
CA HIS A 235 -10.39 23.64 32.13
C HIS A 235 -9.24 22.64 32.18
N PRO A 236 -8.02 23.10 31.89
CA PRO A 236 -6.83 22.24 31.90
C PRO A 236 -6.68 21.42 33.18
N GLU A 237 -6.91 22.04 34.32
CA GLU A 237 -6.78 21.33 35.59
C GLU A 237 -7.78 20.17 35.68
N ASP A 238 -8.98 20.37 35.15
CA ASP A 238 -9.96 19.30 35.16
C ASP A 238 -9.49 18.16 34.28
N ILE A 239 -8.77 18.50 33.22
CA ILE A 239 -8.23 17.47 32.34
C ILE A 239 -7.18 16.68 33.12
N LYS A 240 -6.34 17.36 33.89
CA LYS A 240 -5.30 16.70 34.66
C LYS A 240 -5.85 15.73 35.71
N LYS A 241 -6.79 16.21 36.51
CA LYS A 241 -7.39 15.37 37.56
C LYS A 241 -8.09 14.19 36.91
N ALA A 242 -8.89 14.47 35.89
CA ALA A 242 -9.62 13.41 35.20
C ALA A 242 -8.64 12.35 34.73
N ILE A 243 -7.49 12.78 34.21
CA ILE A 243 -6.48 11.85 33.74
C ILE A 243 -5.88 11.08 34.90
N SER A 244 -5.64 11.79 36.00
CA SER A 244 -5.08 11.15 37.19
C SER A 244 -6.11 10.21 37.77
N LEU A 245 -7.36 10.37 37.36
CA LEU A 245 -8.43 9.52 37.87
C LEU A 245 -8.80 8.32 37.02
N GLY A 246 -8.17 8.16 35.85
CA GLY A 246 -8.50 7.00 35.03
C GLY A 246 -8.79 7.28 33.56
N ILE A 247 -8.85 8.56 33.19
CA ILE A 247 -9.10 8.94 31.81
C ILE A 247 -7.80 8.70 31.05
N ALA A 248 -7.80 7.74 30.13
CA ALA A 248 -6.60 7.39 29.37
C ALA A 248 -6.58 7.91 27.94
N LYS A 249 -7.75 8.26 27.41
CA LYS A 249 -7.88 8.78 26.05
C LYS A 249 -8.68 10.07 26.03
N ILE A 250 -8.11 11.10 25.42
CA ILE A 250 -8.77 12.39 25.35
C ILE A 250 -8.90 12.89 23.92
N ASN A 251 -10.13 13.16 23.51
CA ASN A 251 -10.42 13.62 22.16
C ASN A 251 -10.38 15.15 22.04
N THR A 252 -9.74 15.63 20.98
CA THR A 252 -9.63 17.06 20.69
C THR A 252 -9.94 17.31 19.22
N ASP A 253 -10.91 18.19 18.96
CA ASP A 253 -11.31 18.48 17.59
C ASP A 253 -11.48 19.99 17.37
N THR A 254 -12.42 20.58 18.11
CA THR A 254 -12.68 22.02 18.02
C THR A 254 -11.41 22.89 18.08
N ASP A 255 -10.54 22.62 19.05
CA ASP A 255 -9.31 23.40 19.19
C ASP A 255 -8.51 23.46 17.88
N LEU A 256 -8.43 22.32 17.19
CA LEU A 256 -7.69 22.23 15.94
C LEU A 256 -8.35 23.00 14.82
N ARG A 257 -9.66 22.84 14.67
CA ARG A 257 -10.40 23.54 13.63
C ARG A 257 -10.23 25.04 13.80
N LEU A 258 -10.42 25.51 15.02
CA LEU A 258 -10.29 26.94 15.35
C LEU A 258 -8.90 27.46 15.02
N ALA A 259 -7.88 26.78 15.49
CA ALA A 259 -6.52 27.21 15.21
C ALA A 259 -6.29 27.28 13.70
N PHE A 260 -6.62 26.20 13.01
CA PHE A 260 -6.44 26.13 11.55
C PHE A 260 -7.17 27.27 10.83
N THR A 261 -8.45 27.46 11.16
CA THR A 261 -9.24 28.50 10.52
C THR A 261 -8.75 29.88 10.94
N ALA A 262 -8.37 30.03 12.21
CA ALA A 262 -7.87 31.32 12.66
C ALA A 262 -6.74 31.72 11.73
N LEU A 263 -5.81 30.81 11.49
CA LEU A 263 -4.70 31.13 10.60
C LEU A 263 -5.09 31.35 9.15
N VAL A 264 -6.01 30.55 8.61
CA VAL A 264 -6.42 30.76 7.23
C VAL A 264 -6.98 32.16 7.08
N ARG A 265 -7.85 32.54 8.02
CA ARG A 265 -8.46 33.87 7.99
C ARG A 265 -7.44 34.99 8.05
N GLU A 266 -6.52 34.93 9.00
CA GLU A 266 -5.53 35.99 9.10
C GLU A 266 -4.55 36.06 7.93
N THR A 267 -4.13 34.92 7.39
CA THR A 267 -3.20 34.92 6.27
C THR A 267 -3.87 35.54 5.05
N LEU A 268 -5.11 35.12 4.79
CA LEU A 268 -5.87 35.65 3.65
C LEU A 268 -6.28 37.09 3.90
N GLY A 269 -6.50 37.44 5.16
CA GLY A 269 -6.87 38.81 5.49
C GLY A 269 -5.68 39.75 5.32
N LYS A 270 -4.50 39.28 5.73
CA LYS A 270 -3.27 40.07 5.61
C LYS A 270 -2.70 40.15 4.21
N ASN A 271 -2.98 39.15 3.37
CA ASN A 271 -2.43 39.12 2.03
C ASN A 271 -3.48 38.82 0.98
N PRO A 272 -4.30 39.82 0.65
CA PRO A 272 -5.36 39.67 -0.34
C PRO A 272 -4.85 39.20 -1.71
N LYS A 273 -3.58 39.45 -2.02
CA LYS A 273 -3.05 39.03 -3.32
C LYS A 273 -2.68 37.55 -3.37
N GLU A 274 -2.77 36.88 -2.22
CA GLU A 274 -2.40 35.48 -2.14
C GLU A 274 -3.44 34.47 -2.62
N PHE A 275 -3.02 33.57 -3.50
CA PHE A 275 -3.91 32.51 -3.98
C PHE A 275 -3.24 31.13 -4.09
N ASP A 276 -2.02 31.03 -3.56
CA ASP A 276 -1.28 29.77 -3.52
C ASP A 276 -1.76 29.13 -2.21
N PRO A 277 -2.55 28.05 -2.30
CA PRO A 277 -3.09 27.35 -1.13
C PRO A 277 -2.13 27.12 0.04
N ARG A 278 -0.97 26.54 -0.24
CA ARG A 278 -0.03 26.24 0.82
C ARG A 278 0.39 27.46 1.63
N LYS A 279 0.29 28.65 1.07
CA LYS A 279 0.66 29.86 1.78
C LYS A 279 -0.28 30.11 2.97
N TYR A 280 -1.51 29.61 2.89
CA TYR A 280 -2.42 29.78 4.01
C TYR A 280 -2.75 28.47 4.72
N LEU A 281 -2.66 27.36 4.00
CA LEU A 281 -2.92 26.06 4.63
C LEU A 281 -1.67 25.59 5.37
N GLY A 282 -0.51 26.06 4.90
CA GLY A 282 0.76 25.70 5.51
C GLY A 282 0.84 26.28 6.91
N PRO A 283 0.67 27.60 7.06
CA PRO A 283 0.75 28.18 8.40
C PRO A 283 -0.42 27.71 9.27
N ALA A 284 -1.54 27.34 8.64
CA ALA A 284 -2.69 26.85 9.40
C ALA A 284 -2.35 25.47 9.94
N ARG A 285 -1.69 24.66 9.12
CA ARG A 285 -1.28 23.30 9.53
C ARG A 285 -0.27 23.40 10.66
N GLU A 286 0.60 24.41 10.58
CA GLU A 286 1.62 24.61 11.61
C GLU A 286 0.97 24.97 12.94
N ALA A 287 -0.08 25.79 12.92
CA ALA A 287 -0.74 26.15 14.16
C ALA A 287 -1.42 24.94 14.77
N VAL A 288 -1.89 24.02 13.92
CA VAL A 288 -2.54 22.82 14.44
C VAL A 288 -1.52 21.95 15.13
N LYS A 289 -0.35 21.83 14.50
CA LYS A 289 0.73 21.01 15.05
C LYS A 289 1.11 21.52 16.44
N GLU A 290 1.21 22.85 16.57
CA GLU A 290 1.57 23.43 17.85
C GLU A 290 0.49 23.16 18.90
N VAL A 291 -0.77 23.16 18.47
CA VAL A 291 -1.86 22.89 19.38
C VAL A 291 -1.75 21.47 19.86
N VAL A 292 -1.54 20.55 18.93
CA VAL A 292 -1.42 19.14 19.29
C VAL A 292 -0.29 18.92 20.30
N LYS A 293 0.85 19.55 20.05
CA LYS A 293 2.01 19.43 20.95
C LYS A 293 1.66 19.84 22.37
N SER A 294 1.15 21.05 22.54
CA SER A 294 0.80 21.50 23.89
C SER A 294 -0.23 20.54 24.50
N ARG A 295 -1.12 20.03 23.65
CA ARG A 295 -2.14 19.09 24.08
C ARG A 295 -1.45 17.86 24.69
N MSE A 296 -0.43 17.37 24.00
CA MSE A 296 0.31 16.21 24.48
C MSE A 296 1.06 16.54 25.77
O MSE A 296 1.26 15.66 26.60
CB MSE A 296 1.29 15.73 23.40
CG MSE A 296 0.60 15.27 22.13
SE MSE A 296 1.82 14.89 20.68
CE MSE A 296 2.04 16.63 19.95
N GLU A 297 1.47 17.80 25.94
CA GLU A 297 2.15 18.22 27.16
C GLU A 297 1.17 18.16 28.33
N LEU A 298 -0.06 18.58 28.08
CA LEU A 298 -1.09 18.58 29.10
C LEU A 298 -1.49 17.15 29.44
N PHE A 299 -1.46 16.27 28.45
CA PHE A 299 -1.86 14.88 28.65
C PHE A 299 -0.78 14.00 29.28
N GLY A 300 0.47 14.46 29.24
CA GLY A 300 1.54 13.68 29.82
C GLY A 300 2.01 12.52 28.96
N SER A 301 1.77 12.61 27.65
CA SER A 301 2.18 11.54 26.74
C SER A 301 3.53 11.87 26.10
N VAL A 302 4.12 13.00 26.48
CA VAL A 302 5.42 13.37 25.92
C VAL A 302 6.46 12.34 26.34
N GLY A 303 7.07 11.68 25.35
CA GLY A 303 8.10 10.69 25.65
C GLY A 303 7.60 9.31 26.07
N ARG A 304 6.31 9.08 25.97
CA ARG A 304 5.75 7.80 26.36
C ARG A 304 5.73 6.76 25.23
N ALA A 305 6.05 7.17 24.01
CA ALA A 305 6.05 6.26 22.89
C ALA A 305 6.97 5.07 23.19
N MSE B 1 -5.85 3.52 -13.50
CA MSE B 1 -4.61 2.72 -13.39
C MSE B 1 -3.38 3.58 -13.69
O MSE B 1 -3.46 4.54 -14.46
CB MSE B 1 -4.66 1.53 -14.37
CG MSE B 1 -4.60 1.88 -15.84
SE MSE B 1 -4.24 0.34 -17.01
CE MSE B 1 -2.35 0.16 -16.67
N LEU B 2 -2.27 3.23 -13.07
CA LEU B 2 -1.03 3.97 -13.27
C LEU B 2 -0.39 3.61 -14.59
N VAL B 3 0.04 4.62 -15.33
CA VAL B 3 0.70 4.41 -16.62
C VAL B 3 1.74 5.50 -16.76
N THR B 4 2.67 5.31 -17.69
CA THR B 4 3.71 6.31 -17.92
C THR B 4 3.15 7.43 -18.78
N GLY B 5 3.92 8.49 -18.93
CA GLY B 5 3.46 9.57 -19.79
C GLY B 5 3.26 9.11 -21.23
N LEU B 6 4.30 8.58 -21.83
CA LEU B 6 4.29 8.11 -23.23
C LEU B 6 3.01 7.39 -23.62
N GLU B 7 2.54 6.57 -22.71
CA GLU B 7 1.32 5.77 -22.89
C GLU B 7 0.25 6.53 -23.66
N ILE B 8 -0.41 7.42 -22.94
CA ILE B 8 -1.51 8.21 -23.45
C ILE B 8 -1.13 9.42 -24.30
N LEU B 9 0.07 9.95 -24.12
CA LEU B 9 0.51 11.12 -24.89
C LEU B 9 0.63 10.83 -26.37
N ARG B 10 1.01 9.60 -26.73
CA ARG B 10 1.13 9.21 -28.14
C ARG B 10 -0.24 9.21 -28.83
N LYS B 11 -1.22 8.55 -28.20
CA LYS B 11 -2.55 8.52 -28.80
C LYS B 11 -3.07 9.94 -28.87
N ALA B 12 -2.71 10.76 -27.89
CA ALA B 12 -3.15 12.15 -27.87
C ALA B 12 -2.71 12.86 -29.15
N ARG B 13 -1.40 12.89 -29.41
CA ARG B 13 -0.92 13.59 -30.60
C ARG B 13 -1.41 12.95 -31.91
N ALA B 14 -1.41 11.62 -31.98
CA ALA B 14 -1.88 10.91 -33.17
C ALA B 14 -3.38 11.17 -33.36
N GLU B 15 -4.13 11.36 -32.26
CA GLU B 15 -5.57 11.54 -32.35
C GLU B 15 -5.92 13.01 -32.49
N GLY B 16 -4.99 13.92 -32.31
CA GLY B 16 -5.29 15.34 -32.42
C GLY B 16 -5.93 15.95 -31.18
N TYR B 17 -5.60 15.42 -30.00
CA TYR B 17 -6.13 15.97 -28.77
C TYR B 17 -5.04 16.11 -27.70
N GLY B 18 -5.36 16.78 -26.60
CA GLY B 18 -4.36 16.97 -25.57
C GLY B 18 -4.79 16.39 -24.24
N VAL B 19 -3.81 15.96 -23.45
CA VAL B 19 -4.06 15.39 -22.14
C VAL B 19 -3.58 16.45 -21.14
N GLY B 20 -4.46 16.82 -20.23
CA GLY B 20 -4.11 17.83 -19.24
C GLY B 20 -3.34 17.30 -18.04
N ALA B 21 -2.26 17.99 -17.68
CA ALA B 21 -1.49 17.62 -16.51
C ALA B 21 -1.91 18.67 -15.49
N PHE B 22 -2.29 18.25 -14.29
CA PHE B 22 -2.71 19.20 -13.29
C PHE B 22 -1.89 19.11 -12.03
N ASN B 23 -1.39 20.25 -11.58
CA ASN B 23 -0.57 20.29 -10.38
C ASN B 23 -1.41 20.12 -9.14
N THR B 24 -0.90 19.36 -8.18
CA THR B 24 -1.58 19.14 -6.91
C THR B 24 -0.58 19.22 -5.77
N ASN B 25 -1.03 19.72 -4.62
CA ASN B 25 -0.20 19.86 -3.43
C ASN B 25 -0.84 19.20 -2.19
N ASN B 26 -2.11 18.78 -2.32
CA ASN B 26 -2.76 18.12 -1.20
C ASN B 26 -3.91 17.20 -1.61
N MSE B 27 -4.63 16.73 -0.61
CA MSE B 27 -5.73 15.81 -0.81
C MSE B 27 -6.88 16.36 -1.66
O MSE B 27 -7.25 15.75 -2.68
CB MSE B 27 -6.30 15.33 0.54
CG MSE B 27 -7.38 14.26 0.41
SE MSE B 27 -8.30 13.80 2.07
CE MSE B 27 -6.86 12.84 2.93
N GLU B 28 -7.46 17.49 -1.27
CA GLU B 28 -8.59 18.07 -2.01
C GLU B 28 -8.29 18.33 -3.48
N PHE B 29 -7.07 18.76 -3.80
CA PHE B 29 -6.75 19.01 -5.20
C PHE B 29 -6.68 17.68 -5.95
N THR B 30 -6.06 16.70 -5.33
CA THR B 30 -5.92 15.40 -5.97
C THR B 30 -7.31 14.80 -6.27
N GLN B 31 -8.22 14.90 -5.31
CA GLN B 31 -9.57 14.38 -5.49
C GLN B 31 -10.28 15.10 -6.63
N ALA B 32 -10.25 16.43 -6.60
CA ALA B 32 -10.90 17.23 -7.63
C ALA B 32 -10.42 16.82 -9.01
N ILE B 33 -9.10 16.70 -9.18
CA ILE B 33 -8.53 16.32 -10.47
C ILE B 33 -8.90 14.89 -10.91
N LEU B 34 -8.91 13.95 -9.97
CA LEU B 34 -9.23 12.57 -10.31
C LEU B 34 -10.71 12.34 -10.55
N GLU B 35 -11.56 12.98 -9.78
CA GLU B 35 -12.99 12.80 -9.98
C GLU B 35 -13.36 13.41 -11.33
N ALA B 36 -12.77 14.55 -11.64
CA ALA B 36 -13.04 15.21 -12.91
C ALA B 36 -12.67 14.25 -14.03
N ALA B 37 -11.49 13.63 -13.93
CA ALA B 37 -11.04 12.68 -14.93
C ALA B 37 -12.00 11.47 -15.03
N GLU B 38 -12.46 10.96 -13.89
CA GLU B 38 -13.38 9.82 -13.87
C GLU B 38 -14.69 10.17 -14.56
N GLU B 39 -15.32 11.27 -14.13
CA GLU B 39 -16.59 11.68 -14.70
C GLU B 39 -16.50 12.01 -16.19
N MSE B 40 -15.37 12.56 -16.62
CA MSE B 40 -15.21 12.91 -18.02
C MSE B 40 -14.64 11.74 -18.82
O MSE B 40 -14.43 11.85 -20.03
CB MSE B 40 -14.32 14.12 -18.18
CG MSE B 40 -14.91 15.18 -19.08
SE MSE B 40 -16.47 16.04 -18.34
CE MSE B 40 -16.47 17.61 -19.44
N LYS B 41 -14.38 10.62 -18.14
CA LYS B 41 -13.81 9.45 -18.78
C LYS B 41 -12.59 9.88 -19.59
N SER B 42 -11.70 10.60 -18.91
CA SER B 42 -10.50 11.11 -19.57
C SER B 42 -9.19 10.67 -18.92
N PRO B 43 -8.13 10.52 -19.72
CA PRO B 43 -6.84 10.14 -19.15
C PRO B 43 -6.42 11.42 -18.43
N VAL B 44 -5.45 11.33 -17.53
CA VAL B 44 -5.05 12.53 -16.81
C VAL B 44 -3.66 12.40 -16.24
N ILE B 45 -3.02 13.54 -16.03
CA ILE B 45 -1.70 13.52 -15.43
C ILE B 45 -1.72 14.33 -14.15
N LEU B 46 -1.17 13.74 -13.09
CA LEU B 46 -1.08 14.44 -11.82
C LEU B 46 0.35 14.98 -11.85
N ALA B 47 0.46 16.30 -11.76
CA ALA B 47 1.77 16.96 -11.79
C ALA B 47 2.15 17.41 -10.39
N LEU B 48 3.37 17.06 -9.98
CA LEU B 48 3.89 17.44 -8.69
C LEU B 48 5.26 18.09 -8.77
N SER B 49 5.31 19.40 -8.59
CA SER B 49 6.57 20.12 -8.62
C SER B 49 7.39 19.71 -7.40
N GLU B 50 8.59 20.27 -7.27
CA GLU B 50 9.42 19.95 -6.12
C GLU B 50 8.82 20.72 -4.94
N GLY B 51 8.20 21.85 -5.25
CA GLY B 51 7.54 22.63 -4.21
C GLY B 51 6.45 21.75 -3.60
N ALA B 52 5.75 21.00 -4.45
CA ALA B 52 4.67 20.12 -4.00
C ALA B 52 5.21 18.98 -3.13
N MSE B 53 6.27 18.33 -3.61
CA MSE B 53 6.84 17.25 -2.83
C MSE B 53 7.33 17.74 -1.46
O MSE B 53 7.26 17.00 -0.47
CB MSE B 53 7.99 16.62 -3.61
CG MSE B 53 7.49 15.90 -4.86
SE MSE B 53 8.90 15.24 -5.94
CE MSE B 53 10.01 16.79 -6.00
N LYS B 54 7.79 18.98 -1.40
CA LYS B 54 8.23 19.56 -0.15
C LYS B 54 7.04 19.76 0.80
N TYR B 55 6.03 20.46 0.33
CA TYR B 55 4.82 20.72 1.11
C TYR B 55 4.08 19.43 1.40
N GLY B 56 4.03 18.56 0.40
CA GLY B 56 3.33 17.29 0.54
C GLY B 56 4.05 16.17 1.25
N GLY B 57 5.36 16.05 1.03
CA GLY B 57 6.10 14.99 1.70
C GLY B 57 5.57 13.61 1.31
N ARG B 58 5.76 12.65 2.20
CA ARG B 58 5.32 11.26 2.00
C ARG B 58 3.80 11.16 1.85
N ALA B 59 3.09 11.99 2.62
CA ALA B 59 1.65 12.00 2.61
C ALA B 59 1.16 12.17 1.18
N LEU B 60 1.66 13.18 0.51
CA LEU B 60 1.27 13.47 -0.87
C LEU B 60 1.70 12.43 -1.90
N THR B 61 3.00 12.12 -1.96
CA THR B 61 3.47 11.18 -2.96
C THR B 61 2.85 9.79 -2.90
N ARG B 62 2.73 9.19 -1.73
CA ARG B 62 2.13 7.85 -1.64
C ARG B 62 0.64 7.87 -2.00
N MSE B 63 -0.06 8.93 -1.60
CA MSE B 63 -1.49 9.06 -1.89
C MSE B 63 -1.77 9.24 -3.37
O MSE B 63 -2.71 8.65 -3.91
CB MSE B 63 -2.07 10.24 -1.12
CG MSE B 63 -3.47 10.59 -1.60
SE MSE B 63 -4.21 12.09 -0.69
CE MSE B 63 -4.92 11.15 0.83
N VAL B 64 -0.97 10.08 -4.02
CA VAL B 64 -1.16 10.32 -5.45
C VAL B 64 -0.93 9.03 -6.23
N VAL B 65 0.14 8.32 -5.90
CA VAL B 65 0.41 7.07 -6.60
C VAL B 65 -0.70 6.05 -6.31
N ALA B 66 -1.17 6.01 -5.07
CA ALA B 66 -2.23 5.08 -4.68
C ALA B 66 -3.56 5.39 -5.37
N LEU B 67 -3.98 6.65 -5.37
CA LEU B 67 -5.23 7.01 -6.03
C LEU B 67 -5.10 6.84 -7.55
N ALA B 68 -3.93 7.16 -8.09
CA ALA B 68 -3.69 6.99 -9.54
C ALA B 68 -3.86 5.52 -9.95
N GLN B 69 -3.37 4.61 -9.12
CA GLN B 69 -3.48 3.19 -9.44
C GLN B 69 -4.93 2.74 -9.37
N GLU B 70 -5.63 3.17 -8.32
CA GLU B 70 -7.03 2.81 -8.10
C GLU B 70 -8.05 3.48 -9.03
N ALA B 71 -7.65 4.48 -9.80
CA ALA B 71 -8.59 5.15 -10.68
C ALA B 71 -8.93 4.23 -11.86
N ARG B 72 -10.12 4.41 -12.44
CA ARG B 72 -10.53 3.58 -13.57
C ARG B 72 -9.98 4.08 -14.91
N VAL B 73 -9.58 5.35 -14.97
CA VAL B 73 -9.03 5.89 -16.21
C VAL B 73 -7.49 5.94 -16.14
N PRO B 74 -6.81 6.08 -17.30
CA PRO B 74 -5.34 6.13 -17.27
C PRO B 74 -4.87 7.38 -16.51
N VAL B 75 -3.89 7.20 -15.65
CA VAL B 75 -3.34 8.29 -14.85
C VAL B 75 -1.84 8.13 -14.70
N ALA B 76 -1.09 9.15 -15.10
CA ALA B 76 0.36 9.11 -14.94
C ALA B 76 0.70 10.14 -13.86
N VAL B 77 1.81 9.91 -13.16
CA VAL B 77 2.24 10.84 -12.13
C VAL B 77 3.59 11.39 -12.56
N HIS B 78 3.63 12.69 -12.86
CA HIS B 78 4.83 13.36 -13.34
C HIS B 78 5.47 14.33 -12.35
N LEU B 79 6.80 14.34 -12.34
CA LEU B 79 7.54 15.22 -11.45
C LEU B 79 7.80 16.33 -12.49
N ASP B 80 7.33 17.55 -12.26
CA ASP B 80 7.53 18.65 -13.22
C ASP B 80 8.78 19.47 -12.87
N HIS B 81 9.53 19.85 -13.90
CA HIS B 81 10.74 20.66 -13.72
C HIS B 81 11.64 20.25 -12.55
N GLY B 82 12.10 19.00 -12.55
CA GLY B 82 12.99 18.57 -11.48
C GLY B 82 14.25 19.43 -11.62
N SER B 83 14.92 19.76 -10.53
CA SER B 83 16.11 20.61 -10.66
C SER B 83 17.47 19.92 -10.61
N SER B 84 17.48 18.61 -10.36
CA SER B 84 18.72 17.85 -10.29
C SER B 84 18.53 16.36 -10.50
N TYR B 85 19.64 15.67 -10.75
CA TYR B 85 19.63 14.23 -10.96
C TYR B 85 19.07 13.58 -9.69
N GLU B 86 19.48 14.12 -8.54
CA GLU B 86 19.05 13.62 -7.23
C GLU B 86 17.54 13.78 -7.05
N SER B 87 17.00 14.90 -7.53
CA SER B 87 15.56 15.15 -7.42
C SER B 87 14.82 14.10 -8.22
N VAL B 88 15.35 13.81 -9.41
CA VAL B 88 14.74 12.81 -10.28
C VAL B 88 14.78 11.44 -9.59
N LEU B 89 15.92 11.11 -8.99
CA LEU B 89 16.01 9.83 -8.29
C LEU B 89 14.93 9.72 -7.20
N LYS B 90 14.70 10.80 -6.46
CA LYS B 90 13.68 10.75 -5.43
C LYS B 90 12.30 10.51 -6.05
N ALA B 91 12.06 11.08 -7.23
CA ALA B 91 10.77 10.89 -7.88
C ALA B 91 10.61 9.44 -8.32
N LEU B 92 11.72 8.82 -8.74
CA LEU B 92 11.69 7.43 -9.16
C LEU B 92 11.40 6.58 -7.92
N ARG B 93 12.04 6.94 -6.82
CA ARG B 93 11.87 6.25 -5.54
C ARG B 93 10.42 6.28 -5.07
N GLU B 94 9.78 7.45 -5.19
CA GLU B 94 8.39 7.61 -4.77
C GLU B 94 7.36 7.10 -5.77
N GLY B 95 7.81 6.36 -6.79
CA GLY B 95 6.86 5.78 -7.74
C GLY B 95 6.31 6.61 -8.88
N PHE B 96 6.92 7.75 -9.18
CA PHE B 96 6.43 8.56 -10.29
C PHE B 96 6.58 7.74 -11.58
N THR B 97 5.67 7.92 -12.54
CA THR B 97 5.73 7.16 -13.80
C THR B 97 6.37 7.95 -14.92
N SER B 98 6.67 9.21 -14.63
CA SER B 98 7.35 10.07 -15.59
C SER B 98 8.06 11.18 -14.85
N VAL B 99 9.27 11.48 -15.29
CA VAL B 99 10.06 12.52 -14.65
C VAL B 99 10.60 13.48 -15.71
N MSE B 100 11.20 14.57 -15.24
CA MSE B 100 11.79 15.56 -16.14
C MSE B 100 12.73 16.45 -15.37
O MSE B 100 12.46 16.83 -14.22
CB MSE B 100 10.72 16.42 -16.82
CG MSE B 100 10.12 17.50 -15.96
SE MSE B 100 9.05 18.78 -16.97
CE MSE B 100 7.34 17.90 -16.88
N ILE B 101 13.87 16.79 -15.97
CA ILE B 101 14.80 17.67 -15.29
C ILE B 101 14.85 18.94 -16.13
N ASP B 102 14.80 20.09 -15.49
CA ASP B 102 14.83 21.34 -16.20
C ASP B 102 16.22 21.93 -16.20
N LYS B 103 16.93 21.78 -17.31
CA LYS B 103 18.26 22.31 -17.44
C LYS B 103 18.28 23.18 -18.70
N SER B 104 17.10 23.68 -19.06
CA SER B 104 16.93 24.51 -20.23
C SER B 104 17.67 25.83 -20.07
N HIS B 105 18.11 26.13 -18.86
CA HIS B 105 18.85 27.36 -18.58
C HIS B 105 20.34 27.12 -18.81
N GLU B 106 20.71 25.86 -19.04
CA GLU B 106 22.10 25.48 -19.27
C GLU B 106 22.48 25.55 -20.75
N ASP B 107 23.76 25.48 -21.06
CA ASP B 107 24.19 25.51 -22.45
C ASP B 107 23.74 24.19 -23.04
N PHE B 108 23.71 24.10 -24.36
CA PHE B 108 23.25 22.89 -25.03
C PHE B 108 23.92 21.59 -24.60
N GLU B 109 25.25 21.57 -24.62
CA GLU B 109 25.93 20.35 -24.24
C GLU B 109 25.61 19.91 -22.81
N THR B 110 25.55 20.87 -21.89
CA THR B 110 25.22 20.56 -20.49
C THR B 110 23.79 20.05 -20.34
N ASN B 111 22.86 20.61 -21.11
CA ASN B 111 21.46 20.21 -21.05
C ASN B 111 21.33 18.77 -21.56
N VAL B 112 22.03 18.48 -22.65
CA VAL B 112 22.02 17.15 -23.24
C VAL B 112 22.60 16.16 -22.24
N ARG B 113 23.73 16.52 -21.65
CA ARG B 113 24.40 15.67 -20.67
C ARG B 113 23.50 15.36 -19.48
N GLU B 114 22.98 16.40 -18.84
CA GLU B 114 22.09 16.21 -17.69
C GLU B 114 20.85 15.41 -18.08
N THR B 115 20.22 15.81 -19.19
CA THR B 115 19.02 15.13 -19.64
C THR B 115 19.26 13.66 -19.98
N LYS B 116 20.36 13.37 -20.69
CA LYS B 116 20.63 11.99 -21.07
C LYS B 116 20.82 11.10 -19.85
N ARG B 117 21.51 11.61 -18.83
CA ARG B 117 21.73 10.83 -17.62
C ARG B 117 20.39 10.51 -16.94
N VAL B 118 19.44 11.44 -17.04
CA VAL B 118 18.10 11.25 -16.45
C VAL B 118 17.34 10.21 -17.25
N VAL B 119 17.50 10.28 -18.57
CA VAL B 119 16.83 9.32 -19.46
C VAL B 119 17.27 7.89 -19.15
N GLU B 120 18.58 7.68 -18.98
CA GLU B 120 19.08 6.34 -18.70
C GLU B 120 18.61 5.76 -17.36
N ALA B 121 18.50 6.59 -16.33
CA ALA B 121 18.04 6.11 -15.02
C ALA B 121 16.55 5.82 -15.08
N ALA B 122 15.79 6.76 -15.64
CA ALA B 122 14.35 6.59 -15.76
C ALA B 122 13.97 5.36 -16.58
N HIS B 123 14.57 5.20 -17.75
CA HIS B 123 14.26 4.07 -18.61
C HIS B 123 14.73 2.77 -17.96
N ALA B 124 15.81 2.86 -17.19
CA ALA B 124 16.31 1.68 -16.50
C ALA B 124 15.20 1.08 -15.64
N VAL B 125 14.31 1.92 -15.13
CA VAL B 125 13.22 1.42 -14.28
C VAL B 125 11.81 1.62 -14.84
N GLY B 126 11.70 1.64 -16.16
CA GLY B 126 10.40 1.78 -16.80
C GLY B 126 9.71 3.13 -16.71
N VAL B 127 10.46 4.19 -16.45
CA VAL B 127 9.84 5.50 -16.35
C VAL B 127 10.16 6.32 -17.58
N THR B 128 9.21 7.16 -18.00
CA THR B 128 9.42 8.01 -19.17
C THR B 128 9.94 9.39 -18.77
N VAL B 129 10.48 10.09 -19.76
CA VAL B 129 11.10 11.38 -19.52
C VAL B 129 10.68 12.51 -20.43
N GLU B 130 10.48 13.67 -19.84
CA GLU B 130 10.11 14.86 -20.58
C GLU B 130 11.33 15.76 -20.58
N ALA B 131 11.84 16.08 -21.76
CA ALA B 131 13.00 16.94 -21.91
C ALA B 131 12.52 18.41 -22.03
N GLU B 132 13.41 19.35 -21.82
CA GLU B 132 13.02 20.76 -21.92
C GLU B 132 14.08 21.60 -22.63
N LEU B 133 13.68 22.18 -23.76
CA LEU B 133 14.57 23.01 -24.56
C LEU B 133 13.95 24.37 -24.78
N GLY B 134 14.68 25.42 -24.43
CA GLY B 134 14.17 26.77 -24.57
C GLY B 134 13.66 27.22 -23.22
N ARG B 135 13.57 28.53 -23.01
CA ARG B 135 13.10 29.04 -21.72
C ARG B 135 11.68 29.59 -21.74
N LEU B 136 10.91 29.24 -20.73
CA LEU B 136 9.54 29.71 -20.62
C LEU B 136 9.54 31.18 -20.23
N ALA B 137 9.26 32.02 -21.20
CA ALA B 137 9.22 33.46 -21.00
C ALA B 137 8.39 34.02 -22.15
N GLY B 138 7.60 35.05 -21.87
CA GLY B 138 6.78 35.63 -22.92
C GLY B 138 7.61 36.50 -23.84
N ILE B 139 7.03 36.93 -24.96
CA ILE B 139 7.70 37.79 -25.93
C ILE B 139 6.69 38.74 -26.53
N GLU B 147 12.10 35.51 -29.62
CA GLU B 147 12.15 35.36 -31.06
C GLU B 147 13.44 35.92 -31.66
N LYS B 148 13.47 37.23 -31.90
CA LYS B 148 14.64 37.91 -32.47
C LYS B 148 15.88 37.59 -31.64
N ASP B 149 15.68 37.46 -30.33
CA ASP B 149 16.74 37.15 -29.39
C ASP B 149 16.90 35.63 -29.29
N ALA B 150 15.93 34.91 -29.84
CA ALA B 150 15.93 33.45 -29.84
C ALA B 150 16.05 32.92 -28.42
N LEU B 151 15.04 33.20 -27.61
CA LEU B 151 14.99 32.72 -26.23
C LEU B 151 13.99 31.56 -26.28
N LEU B 152 13.44 31.34 -27.46
CA LEU B 152 12.46 30.29 -27.68
C LEU B 152 13.07 29.01 -28.27
N THR B 153 12.26 27.98 -28.39
CA THR B 153 12.74 26.71 -28.91
C THR B 153 13.20 26.77 -30.37
N ASN B 154 14.41 26.29 -30.62
CA ASN B 154 14.96 26.24 -31.96
C ASN B 154 14.54 24.87 -32.47
N PRO B 155 13.63 24.82 -33.44
CA PRO B 155 13.18 23.52 -33.95
C PRO B 155 14.30 22.55 -34.33
N GLU B 156 15.35 23.06 -34.96
CA GLU B 156 16.47 22.21 -35.34
C GLU B 156 17.15 21.62 -34.10
N GLU B 157 17.49 22.50 -33.17
CA GLU B 157 18.13 22.10 -31.94
C GLU B 157 17.23 21.09 -31.24
N ALA B 158 15.93 21.27 -31.39
CA ALA B 158 14.95 20.38 -30.76
C ALA B 158 15.12 18.93 -31.23
N ARG B 159 15.24 18.72 -32.53
CA ARG B 159 15.42 17.35 -33.05
C ARG B 159 16.73 16.76 -32.55
N ILE B 160 17.79 17.55 -32.56
CA ILE B 160 19.08 17.07 -32.10
C ILE B 160 19.02 16.73 -30.61
N PHE B 161 18.38 17.60 -29.84
CA PHE B 161 18.23 17.39 -28.40
C PHE B 161 17.55 16.05 -28.17
N MSE B 162 16.42 15.85 -28.83
CA MSE B 162 15.67 14.61 -28.69
C MSE B 162 16.46 13.38 -29.14
O MSE B 162 16.30 12.30 -28.58
CB MSE B 162 14.35 14.69 -29.43
CG MSE B 162 13.38 15.68 -28.77
SE MSE B 162 12.95 15.15 -26.93
CE MSE B 162 11.63 13.84 -27.34
N GLU B 163 17.32 13.55 -30.14
CA GLU B 163 18.12 12.44 -30.64
C GLU B 163 19.31 12.12 -29.72
N ARG B 164 20.03 13.14 -29.27
CA ARG B 164 21.18 12.87 -28.39
C ARG B 164 20.72 12.32 -27.04
N THR B 165 19.63 12.87 -26.49
CA THR B 165 19.08 12.34 -25.25
C THR B 165 18.07 11.38 -25.85
N GLY B 166 17.46 10.54 -25.06
CA GLY B 166 16.49 9.65 -25.68
C GLY B 166 15.16 9.96 -25.04
N ALA B 167 14.96 11.22 -24.67
CA ALA B 167 13.72 11.64 -24.01
C ALA B 167 12.48 11.16 -24.76
N ASP B 168 11.37 11.01 -24.02
CA ASP B 168 10.12 10.52 -24.60
C ASP B 168 9.15 11.59 -25.11
N TYR B 169 9.25 12.80 -24.56
CA TYR B 169 8.42 13.91 -25.00
C TYR B 169 9.15 15.21 -24.73
N LEU B 170 8.74 16.27 -25.41
CA LEU B 170 9.44 17.55 -25.29
C LEU B 170 8.61 18.77 -24.91
N ALA B 171 9.07 19.48 -23.88
CA ALA B 171 8.42 20.69 -23.43
C ALA B 171 9.01 21.77 -24.33
N VAL B 172 8.15 22.60 -24.93
CA VAL B 172 8.62 23.65 -25.82
C VAL B 172 8.31 25.05 -25.34
N ALA B 173 9.17 25.99 -25.73
CA ALA B 173 9.02 27.40 -25.38
C ALA B 173 8.57 28.14 -26.63
N ILE B 174 7.31 28.52 -26.66
CA ILE B 174 6.75 29.22 -27.80
C ILE B 174 5.93 30.43 -27.36
N GLY B 175 6.17 30.90 -26.14
CA GLY B 175 5.43 32.06 -25.68
C GLY B 175 4.77 31.95 -24.32
N THR B 176 4.61 30.75 -23.79
CA THR B 176 3.98 30.65 -22.47
C THR B 176 4.94 30.95 -21.33
N SER B 177 4.37 31.10 -20.14
CA SER B 177 5.12 31.36 -18.92
C SER B 177 4.17 31.11 -17.74
N HIS B 178 4.74 30.67 -16.62
CA HIS B 178 3.95 30.40 -15.42
C HIS B 178 3.41 31.66 -14.78
N GLY B 179 2.43 31.51 -13.90
CA GLY B 179 1.87 32.67 -13.22
C GLY B 179 0.65 33.29 -13.86
N ALA B 180 0.09 34.29 -13.17
CA ALA B 180 -1.10 34.99 -13.61
C ALA B 180 -0.90 36.15 -14.58
N TYR B 181 0.35 36.51 -14.86
CA TYR B 181 0.64 37.61 -15.78
C TYR B 181 1.49 37.14 -16.95
N LYS B 182 0.85 36.47 -17.90
CA LYS B 182 1.55 35.91 -19.05
C LYS B 182 1.81 36.93 -20.14
N GLY B 183 1.23 38.13 -20.00
CA GLY B 183 1.45 39.16 -20.97
C GLY B 183 0.42 40.28 -20.94
N LYS B 184 0.71 41.36 -21.65
CA LYS B 184 -0.23 42.47 -21.70
C LYS B 184 -1.28 42.03 -22.68
N GLY B 185 -2.49 41.79 -22.19
CA GLY B 185 -3.54 41.32 -23.08
C GLY B 185 -3.20 39.88 -23.47
N ARG B 186 -3.62 39.49 -24.67
CA ARG B 186 -3.39 38.14 -25.16
C ARG B 186 -1.92 37.85 -25.49
N PRO B 187 -1.29 36.97 -24.70
CA PRO B 187 0.12 36.62 -24.94
C PRO B 187 0.38 35.99 -26.30
N PHE B 188 1.51 36.38 -26.91
CA PHE B 188 1.90 35.87 -28.21
C PHE B 188 2.39 34.43 -28.12
N ILE B 189 1.83 33.58 -28.98
CA ILE B 189 2.24 32.18 -29.04
C ILE B 189 2.75 31.94 -30.45
N ASP B 190 4.02 31.55 -30.55
CA ASP B 190 4.65 31.32 -31.84
C ASP B 190 4.23 30.00 -32.49
N HIS B 191 3.07 29.99 -33.14
CA HIS B 191 2.57 28.78 -33.78
C HIS B 191 3.44 28.22 -34.90
N PRO B 192 3.86 29.09 -35.85
CA PRO B 192 4.70 28.61 -36.96
C PRO B 192 5.97 27.95 -36.43
N ARG B 193 6.46 28.46 -35.31
CA ARG B 193 7.65 27.89 -34.70
C ARG B 193 7.28 26.49 -34.19
N LEU B 194 6.08 26.39 -33.62
CA LEU B 194 5.56 25.13 -33.07
C LEU B 194 5.40 24.11 -34.18
N ALA B 195 4.82 24.53 -35.30
CA ALA B 195 4.60 23.64 -36.45
C ALA B 195 5.92 23.10 -36.98
N ARG B 196 6.91 23.98 -37.04
CA ARG B 196 8.23 23.60 -37.54
C ARG B 196 8.84 22.56 -36.62
N ILE B 197 8.79 22.82 -35.32
CA ILE B 197 9.32 21.88 -34.33
C ILE B 197 8.60 20.55 -34.47
N ALA B 198 7.28 20.61 -34.64
CA ALA B 198 6.47 19.40 -34.78
C ALA B 198 6.85 18.54 -35.99
N LYS B 199 7.25 19.18 -37.09
CA LYS B 199 7.66 18.45 -38.29
C LYS B 199 8.98 17.70 -38.05
N LEU B 200 9.82 18.24 -37.18
CA LEU B 200 11.12 17.63 -36.89
C LEU B 200 11.11 16.67 -35.69
N VAL B 201 10.19 16.90 -34.76
CA VAL B 201 10.07 16.07 -33.57
C VAL B 201 8.72 15.37 -33.60
N PRO B 202 8.70 14.06 -33.96
CA PRO B 202 7.42 13.34 -34.00
C PRO B 202 6.90 13.02 -32.59
N ALA B 203 7.80 13.04 -31.62
CA ALA B 203 7.44 12.74 -30.23
C ALA B 203 6.39 13.72 -29.72
N PRO B 204 5.58 13.31 -28.74
CA PRO B 204 4.57 14.25 -28.25
C PRO B 204 5.19 15.50 -27.63
N LEU B 205 4.54 16.64 -27.86
CA LEU B 205 5.00 17.93 -27.36
C LEU B 205 4.28 18.33 -26.09
N VAL B 206 4.96 19.10 -25.24
CA VAL B 206 4.40 19.54 -23.98
C VAL B 206 4.35 21.07 -23.84
N LEU B 207 3.23 21.55 -23.32
CA LEU B 207 3.03 22.98 -23.15
C LEU B 207 2.77 23.34 -21.67
N HIS B 208 3.76 23.95 -21.04
CA HIS B 208 3.69 24.39 -19.64
C HIS B 208 3.22 25.85 -19.57
N GLY B 209 3.01 26.35 -18.35
CA GLY B 209 2.54 27.72 -18.16
C GLY B 209 1.35 28.00 -19.05
N ALA B 210 0.46 27.01 -19.13
CA ALA B 210 -0.69 27.10 -20.01
C ALA B 210 -2.01 27.55 -19.42
N SER B 211 -2.03 27.98 -18.15
CA SER B 211 -3.28 28.43 -17.56
C SER B 211 -3.95 29.49 -18.42
N ALA B 212 -5.27 29.48 -18.41
CA ALA B 212 -6.07 30.45 -19.17
C ALA B 212 -6.33 31.73 -18.36
N VAL B 213 -6.28 31.62 -17.04
CA VAL B 213 -6.54 32.75 -16.14
C VAL B 213 -7.81 33.48 -16.62
N PRO B 214 -8.95 32.76 -16.71
CA PRO B 214 -10.21 33.37 -17.18
C PRO B 214 -10.71 34.58 -16.39
N GLN B 215 -11.13 35.61 -17.13
CA GLN B 215 -11.61 36.87 -16.56
C GLN B 215 -12.70 36.67 -15.51
N GLU B 216 -13.65 35.79 -15.81
CA GLU B 216 -14.73 35.52 -14.87
C GLU B 216 -14.11 35.14 -13.53
N LEU B 217 -13.11 34.28 -13.58
CA LEU B 217 -12.41 33.81 -12.40
C LEU B 217 -11.64 34.93 -11.72
N VAL B 218 -10.98 35.76 -12.52
CA VAL B 218 -10.22 36.88 -11.98
C VAL B 218 -11.16 37.78 -11.17
N GLU B 219 -12.34 38.03 -11.72
CA GLU B 219 -13.34 38.88 -11.06
C GLU B 219 -13.95 38.24 -9.83
N ARG B 220 -14.12 36.92 -9.84
CA ARG B 220 -14.68 36.21 -8.70
C ARG B 220 -13.72 36.38 -7.52
N PHE B 221 -12.42 36.32 -7.81
CA PHE B 221 -11.38 36.47 -6.80
C PHE B 221 -11.51 37.87 -6.19
N ARG B 222 -11.56 38.89 -7.05
CA ARG B 222 -11.72 40.25 -6.55
C ARG B 222 -12.98 40.44 -5.72
N ALA B 223 -14.12 39.98 -6.26
CA ALA B 223 -15.42 40.08 -5.59
C ALA B 223 -15.37 39.54 -4.17
N ALA B 224 -14.51 38.56 -3.95
CA ALA B 224 -14.34 37.97 -2.63
C ALA B 224 -13.11 38.65 -2.05
N GLY B 225 -12.14 37.86 -1.59
CA GLY B 225 -10.92 38.44 -1.04
C GLY B 225 -10.28 39.55 -1.88
N GLY B 226 -10.25 39.35 -3.20
CA GLY B 226 -9.70 40.36 -4.10
C GLY B 226 -8.20 40.53 -4.19
N GLU B 227 -7.80 41.65 -4.81
CA GLU B 227 -6.39 42.02 -5.02
C GLU B 227 -5.69 41.19 -6.10
N ILE B 228 -5.79 41.67 -7.32
CA ILE B 228 -5.16 41.04 -8.48
C ILE B 228 -5.07 42.11 -9.56
N GLY B 229 -3.97 42.11 -10.31
CA GLY B 229 -3.80 43.10 -11.35
C GLY B 229 -4.38 42.73 -12.70
N GLU B 230 -3.73 43.20 -13.75
CA GLU B 230 -4.16 42.95 -15.13
C GLU B 230 -3.81 41.52 -15.56
N ALA B 231 -4.24 40.55 -14.76
CA ALA B 231 -3.96 39.16 -15.04
C ALA B 231 -4.27 38.77 -16.50
N SER B 232 -3.42 37.94 -17.07
CA SER B 232 -3.63 37.49 -18.43
C SER B 232 -3.11 36.06 -18.61
N GLY B 233 -3.93 35.24 -19.25
CA GLY B 233 -3.56 33.85 -19.47
C GLY B 233 -3.48 33.54 -20.95
N ILE B 234 -3.26 32.27 -21.28
CA ILE B 234 -3.16 31.88 -22.67
C ILE B 234 -4.56 31.78 -23.24
N HIS B 235 -4.80 32.46 -24.35
CA HIS B 235 -6.11 32.45 -24.98
C HIS B 235 -6.50 31.01 -25.39
N PRO B 236 -7.76 30.61 -25.14
CA PRO B 236 -8.25 29.28 -25.48
C PRO B 236 -8.03 28.88 -26.94
N GLU B 237 -8.23 29.82 -27.86
CA GLU B 237 -8.02 29.54 -29.28
C GLU B 237 -6.58 29.17 -29.59
N ASP B 238 -5.64 29.71 -28.81
CA ASP B 238 -4.25 29.37 -29.02
C ASP B 238 -3.97 27.94 -28.52
N ILE B 239 -4.64 27.56 -27.43
CA ILE B 239 -4.50 26.21 -26.88
C ILE B 239 -5.00 25.22 -27.92
N LYS B 240 -6.18 25.49 -28.47
CA LYS B 240 -6.76 24.62 -29.49
C LYS B 240 -5.84 24.49 -30.70
N LYS B 241 -5.26 25.60 -31.13
CA LYS B 241 -4.36 25.58 -32.29
C LYS B 241 -3.05 24.85 -32.01
N ALA B 242 -2.44 25.13 -30.86
CA ALA B 242 -1.18 24.48 -30.51
C ALA B 242 -1.36 22.96 -30.44
N ILE B 243 -2.53 22.51 -29.97
CA ILE B 243 -2.80 21.09 -29.87
C ILE B 243 -2.91 20.47 -31.27
N SER B 244 -3.54 21.19 -32.21
CA SER B 244 -3.71 20.68 -33.57
C SER B 244 -2.38 20.58 -34.28
N LEU B 245 -1.35 21.20 -33.71
CA LEU B 245 -0.02 21.17 -34.28
C LEU B 245 0.85 20.11 -33.62
N GLY B 246 0.37 19.52 -32.52
CA GLY B 246 1.18 18.51 -31.88
C GLY B 246 1.31 18.56 -30.38
N ILE B 247 0.81 19.61 -29.74
CA ILE B 247 0.89 19.67 -28.29
C ILE B 247 -0.03 18.55 -27.79
N ALA B 248 0.57 17.59 -27.08
CA ALA B 248 -0.18 16.46 -26.54
C ALA B 248 -0.40 16.56 -25.03
N LYS B 249 0.40 17.41 -24.37
CA LYS B 249 0.27 17.58 -22.91
C LYS B 249 0.19 19.04 -22.50
N ILE B 250 -0.81 19.40 -21.70
CA ILE B 250 -0.96 20.79 -21.27
C ILE B 250 -1.08 20.88 -19.76
N ASN B 251 -0.21 21.67 -19.15
CA ASN B 251 -0.24 21.84 -17.70
C ASN B 251 -1.11 22.99 -17.26
N THR B 252 -1.75 22.81 -16.11
CA THR B 252 -2.61 23.83 -15.52
C THR B 252 -2.37 23.79 -14.03
N ASP B 253 -2.01 24.94 -13.48
CA ASP B 253 -1.74 25.05 -12.05
C ASP B 253 -2.40 26.32 -11.50
N THR B 254 -2.07 27.47 -12.08
CA THR B 254 -2.62 28.76 -11.67
C THR B 254 -4.16 28.82 -11.64
N ASP B 255 -4.81 28.42 -12.71
CA ASP B 255 -6.28 28.45 -12.71
C ASP B 255 -6.83 27.69 -11.52
N LEU B 256 -6.18 26.58 -11.17
CA LEU B 256 -6.65 25.77 -10.05
C LEU B 256 -6.50 26.49 -8.72
N ARG B 257 -5.33 27.10 -8.52
CA ARG B 257 -5.06 27.85 -7.28
C ARG B 257 -6.08 28.97 -7.08
N LEU B 258 -6.31 29.73 -8.16
CA LEU B 258 -7.25 30.85 -8.14
C LEU B 258 -8.66 30.43 -7.82
N ALA B 259 -9.13 29.38 -8.50
CA ALA B 259 -10.47 28.89 -8.26
C ALA B 259 -10.62 28.42 -6.82
N PHE B 260 -9.61 27.71 -6.33
CA PHE B 260 -9.64 27.18 -4.97
C PHE B 260 -9.70 28.28 -3.90
N THR B 261 -8.86 29.30 -4.05
CA THR B 261 -8.80 30.37 -3.07
C THR B 261 -9.99 31.31 -3.18
N ALA B 262 -10.51 31.50 -4.38
CA ALA B 262 -11.67 32.37 -4.55
C ALA B 262 -12.83 31.84 -3.69
N LEU B 263 -13.05 30.53 -3.73
CA LEU B 263 -14.13 29.92 -2.96
C LEU B 263 -13.86 29.95 -1.47
N VAL B 264 -12.59 29.79 -1.09
CA VAL B 264 -12.23 29.83 0.31
C VAL B 264 -12.57 31.20 0.86
N ARG B 265 -12.16 32.23 0.13
CA ARG B 265 -12.41 33.60 0.58
C ARG B 265 -13.90 33.92 0.62
N GLU B 266 -14.66 33.59 -0.43
CA GLU B 266 -16.07 33.94 -0.34
C GLU B 266 -16.82 33.18 0.74
N THR B 267 -16.45 31.94 1.00
CA THR B 267 -17.12 31.16 2.03
C THR B 267 -16.84 31.73 3.42
N LEU B 268 -15.57 32.06 3.69
CA LEU B 268 -15.20 32.62 4.98
C LEU B 268 -15.65 34.08 5.10
N GLY B 269 -15.72 34.76 3.96
CA GLY B 269 -16.15 36.15 3.97
C GLY B 269 -17.63 36.22 4.27
N LYS B 270 -18.40 35.32 3.66
CA LYS B 270 -19.84 35.29 3.84
C LYS B 270 -20.28 34.61 5.15
N ASN B 271 -19.39 33.82 5.75
CA ASN B 271 -19.75 33.13 6.97
C ASN B 271 -18.72 33.29 8.08
N PRO B 272 -18.65 34.50 8.66
CA PRO B 272 -17.72 34.84 9.74
C PRO B 272 -17.61 33.82 10.87
N LYS B 273 -18.74 33.22 11.25
CA LYS B 273 -18.76 32.25 12.34
C LYS B 273 -18.19 30.87 12.01
N GLU B 274 -18.00 30.60 10.72
CA GLU B 274 -17.51 29.29 10.28
C GLU B 274 -16.06 28.95 10.57
N PHE B 275 -15.82 27.82 11.23
CA PHE B 275 -14.45 27.40 11.49
C PHE B 275 -14.22 25.90 11.29
N ASP B 276 -15.13 25.26 10.55
CA ASP B 276 -15.02 23.84 10.21
C ASP B 276 -14.34 23.83 8.83
N PRO B 277 -13.12 23.27 8.74
CA PRO B 277 -12.35 23.21 7.48
C PRO B 277 -13.09 22.74 6.23
N ARG B 278 -13.80 21.62 6.32
CA ARG B 278 -14.48 21.09 5.16
C ARG B 278 -15.54 22.03 4.59
N LYS B 279 -16.09 22.88 5.44
CA LYS B 279 -17.10 23.81 4.98
C LYS B 279 -16.54 24.83 3.98
N TYR B 280 -15.24 25.14 4.06
CA TYR B 280 -14.73 26.08 3.07
C TYR B 280 -13.80 25.43 2.07
N LEU B 281 -13.14 24.35 2.45
CA LEU B 281 -12.23 23.65 1.55
C LEU B 281 -13.00 22.74 0.60
N GLY B 282 -14.13 22.23 1.04
CA GLY B 282 -14.96 21.37 0.22
C GLY B 282 -15.45 22.12 -1.01
N PRO B 283 -16.08 23.28 -0.81
CA PRO B 283 -16.55 24.07 -1.95
C PRO B 283 -15.37 24.45 -2.84
N ALA B 284 -14.22 24.72 -2.22
CA ALA B 284 -13.03 25.09 -2.98
C ALA B 284 -12.63 23.91 -3.85
N ARG B 285 -12.71 22.71 -3.29
CA ARG B 285 -12.36 21.48 -4.02
C ARG B 285 -13.29 21.30 -5.24
N GLU B 286 -14.58 21.54 -5.03
CA GLU B 286 -15.56 21.44 -6.10
C GLU B 286 -15.20 22.39 -7.25
N ALA B 287 -14.92 23.64 -6.91
CA ALA B 287 -14.57 24.65 -7.91
C ALA B 287 -13.33 24.21 -8.70
N VAL B 288 -12.39 23.57 -8.04
CA VAL B 288 -11.19 23.07 -8.73
C VAL B 288 -11.63 22.00 -9.71
N LYS B 289 -12.43 21.04 -9.23
CA LYS B 289 -12.93 19.96 -10.08
C LYS B 289 -13.62 20.50 -11.33
N GLU B 290 -14.42 21.56 -11.18
CA GLU B 290 -15.12 22.12 -12.31
C GLU B 290 -14.12 22.72 -13.29
N VAL B 291 -13.09 23.38 -12.77
CA VAL B 291 -12.09 23.96 -13.66
C VAL B 291 -11.40 22.85 -14.45
N VAL B 292 -11.03 21.77 -13.77
CA VAL B 292 -10.34 20.67 -14.42
C VAL B 292 -11.17 20.12 -15.59
N LYS B 293 -12.47 19.94 -15.37
CA LYS B 293 -13.37 19.44 -16.40
C LYS B 293 -13.44 20.33 -17.64
N SER B 294 -13.60 21.64 -17.48
CA SER B 294 -13.68 22.49 -18.66
C SER B 294 -12.34 22.43 -19.37
N ARG B 295 -11.29 22.23 -18.59
CA ARG B 295 -9.94 22.13 -19.13
C ARG B 295 -9.87 20.90 -20.06
N MSE B 296 -10.36 19.76 -19.57
CA MSE B 296 -10.38 18.54 -20.37
C MSE B 296 -11.25 18.70 -21.63
O MSE B 296 -10.90 18.23 -22.71
CB MSE B 296 -10.90 17.38 -19.53
CG MSE B 296 -10.04 17.10 -18.30
SE MSE B 296 -10.86 15.84 -17.06
CE MSE B 296 -12.63 16.56 -17.02
N GLU B 297 -12.39 19.38 -21.47
CA GLU B 297 -13.28 19.64 -22.60
C GLU B 297 -12.51 20.48 -23.63
N LEU B 298 -11.77 21.47 -23.14
CA LEU B 298 -10.98 22.36 -23.99
C LEU B 298 -9.90 21.61 -24.75
N PHE B 299 -9.23 20.69 -24.07
CA PHE B 299 -8.17 19.92 -24.68
C PHE B 299 -8.71 18.82 -25.60
N GLY B 300 -9.99 18.49 -25.45
CA GLY B 300 -10.58 17.43 -26.25
C GLY B 300 -10.29 16.02 -25.72
N SER B 301 -9.86 15.90 -24.46
CA SER B 301 -9.55 14.57 -23.92
C SER B 301 -10.78 13.84 -23.38
N VAL B 302 -11.95 14.47 -23.51
CA VAL B 302 -13.18 13.86 -23.00
C VAL B 302 -13.54 12.56 -23.68
N GLY B 303 -13.93 11.59 -22.86
CA GLY B 303 -14.29 10.28 -23.36
C GLY B 303 -13.14 9.55 -24.02
N ARG B 304 -11.91 10.01 -23.78
CA ARG B 304 -10.73 9.38 -24.38
C ARG B 304 -10.03 8.31 -23.53
N ALA B 305 -10.48 8.08 -22.30
CA ALA B 305 -9.83 7.08 -21.46
C ALA B 305 -9.67 5.73 -22.18
N MSE C 1 9.16 -3.09 11.38
CA MSE C 1 9.20 -1.80 10.66
C MSE C 1 10.40 -1.71 9.72
O MSE C 1 11.50 -2.21 10.02
CB MSE C 1 9.20 -0.63 11.65
CG MSE C 1 10.26 -0.71 12.74
SE MSE C 1 10.38 0.91 13.82
CE MSE C 1 12.12 1.54 13.26
N LEU C 2 10.19 -1.06 8.59
CA LEU C 2 11.24 -0.93 7.59
C LEU C 2 12.34 0.04 7.96
N VAL C 3 13.58 -0.43 7.89
CA VAL C 3 14.76 0.39 8.19
C VAL C 3 15.88 0.03 7.22
N THR C 4 16.90 0.88 7.14
CA THR C 4 18.02 0.62 6.25
C THR C 4 18.93 -0.39 6.94
N GLY C 5 19.91 -0.92 6.22
CA GLY C 5 20.80 -1.86 6.90
C GLY C 5 21.64 -1.23 8.01
N LEU C 6 22.13 -0.01 7.77
CA LEU C 6 22.99 0.73 8.71
C LEU C 6 22.49 0.90 10.14
N GLU C 7 21.18 1.08 10.30
CA GLU C 7 20.59 1.26 11.62
C GLU C 7 20.94 0.11 12.57
N ILE C 8 20.47 -1.07 12.21
CA ILE C 8 20.67 -2.26 13.02
C ILE C 8 22.10 -2.79 13.04
N LEU C 9 22.81 -2.65 11.93
CA LEU C 9 24.17 -3.15 11.84
C LEU C 9 25.16 -2.38 12.71
N ARG C 10 25.01 -1.07 12.78
CA ARG C 10 25.91 -0.28 13.60
C ARG C 10 25.72 -0.72 15.06
N LYS C 11 24.46 -0.91 15.46
CA LYS C 11 24.13 -1.34 16.81
C LYS C 11 24.72 -2.73 17.08
N ALA C 12 24.57 -3.60 16.10
CA ALA C 12 25.08 -4.97 16.18
C ALA C 12 26.59 -5.01 16.45
N ARG C 13 27.36 -4.29 15.65
CA ARG C 13 28.81 -4.29 15.82
C ARG C 13 29.26 -3.71 17.17
N ALA C 14 28.60 -2.65 17.62
CA ALA C 14 28.97 -2.05 18.90
C ALA C 14 28.64 -3.00 20.03
N GLU C 15 27.44 -3.60 20.00
CA GLU C 15 26.98 -4.50 21.03
C GLU C 15 27.65 -5.87 20.92
N GLY C 16 28.30 -6.18 19.82
CA GLY C 16 28.98 -7.47 19.67
C GLY C 16 28.24 -8.68 19.10
N TYR C 17 27.10 -8.46 18.45
CA TYR C 17 26.36 -9.58 17.86
C TYR C 17 26.19 -9.36 16.37
N GLY C 18 25.58 -10.33 15.68
CA GLY C 18 25.38 -10.20 14.25
C GLY C 18 23.90 -10.31 13.89
N VAL C 19 23.53 -9.66 12.78
CA VAL C 19 22.17 -9.70 12.31
C VAL C 19 22.12 -10.59 11.07
N GLY C 20 21.20 -11.53 11.05
CA GLY C 20 21.09 -12.41 9.93
C GLY C 20 20.36 -11.80 8.75
N ALA C 21 20.91 -12.03 7.56
CA ALA C 21 20.31 -11.60 6.30
C ALA C 21 20.03 -12.94 5.66
N PHE C 22 18.75 -13.20 5.32
CA PHE C 22 18.35 -14.47 4.72
C PHE C 22 17.74 -14.29 3.32
N ASN C 23 18.22 -15.05 2.35
CA ASN C 23 17.69 -14.93 1.01
C ASN C 23 16.30 -15.55 0.90
N THR C 24 15.41 -14.86 0.18
CA THR C 24 14.06 -15.35 -0.05
C THR C 24 13.76 -15.24 -1.54
N ASN C 25 12.93 -16.15 -2.05
CA ASN C 25 12.54 -16.14 -3.46
C ASN C 25 11.03 -16.20 -3.69
N ASN C 26 10.29 -16.45 -2.61
CA ASN C 26 8.84 -16.49 -2.70
C ASN C 26 8.16 -16.19 -1.36
N MSE C 27 6.87 -16.47 -1.28
CA MSE C 27 6.11 -16.23 -0.07
C MSE C 27 6.51 -17.08 1.13
O MSE C 27 6.79 -16.55 2.21
CB MSE C 27 4.61 -16.41 -0.35
CG MSE C 27 3.73 -16.18 0.87
SE MSE C 27 1.88 -16.65 0.53
CE MSE C 27 1.38 -15.05 -0.40
N GLU C 28 6.54 -18.40 0.94
CA GLU C 28 6.87 -19.28 2.06
C GLU C 28 8.17 -18.89 2.74
N PHE C 29 9.22 -18.63 1.96
CA PHE C 29 10.50 -18.24 2.56
C PHE C 29 10.40 -16.92 3.32
N THR C 30 9.70 -15.93 2.75
CA THR C 30 9.58 -14.63 3.40
C THR C 30 8.86 -14.78 4.73
N GLN C 31 7.81 -15.60 4.74
CA GLN C 31 7.03 -15.85 5.94
C GLN C 31 7.86 -16.56 7.00
N ALA C 32 8.62 -17.56 6.59
CA ALA C 32 9.45 -18.31 7.54
C ALA C 32 10.46 -17.39 8.23
N ILE C 33 11.12 -16.54 7.43
CA ILE C 33 12.14 -15.63 7.95
C ILE C 33 11.58 -14.60 8.91
N LEU C 34 10.51 -13.94 8.51
CA LEU C 34 9.89 -12.92 9.33
C LEU C 34 9.26 -13.48 10.62
N GLU C 35 8.64 -14.64 10.54
CA GLU C 35 8.03 -15.23 11.72
C GLU C 35 9.11 -15.59 12.73
N ALA C 36 10.23 -16.10 12.24
CA ALA C 36 11.36 -16.45 13.11
C ALA C 36 11.83 -15.18 13.82
N ALA C 37 12.00 -14.11 13.06
CA ALA C 37 12.46 -12.83 13.63
C ALA C 37 11.45 -12.28 14.65
N GLU C 38 10.17 -12.52 14.42
CA GLU C 38 9.15 -12.04 15.34
C GLU C 38 9.22 -12.85 16.64
N GLU C 39 9.21 -14.17 16.50
CA GLU C 39 9.24 -15.09 17.63
C GLU C 39 10.53 -14.96 18.44
N MSE C 40 11.60 -14.54 17.78
CA MSE C 40 12.86 -14.39 18.47
C MSE C 40 13.12 -12.94 18.88
O MSE C 40 14.15 -12.62 19.48
CB MSE C 40 13.99 -14.91 17.58
CG MSE C 40 14.89 -15.93 18.26
SE MSE C 40 14.06 -17.63 18.69
CE MSE C 40 12.81 -17.10 20.04
N LYS C 41 12.16 -12.06 18.59
CA LYS C 41 12.28 -10.64 18.93
C LYS C 41 13.66 -10.17 18.44
N SER C 42 13.94 -10.49 17.19
CA SER C 42 15.22 -10.16 16.60
C SER C 42 15.07 -9.32 15.35
N PRO C 43 16.05 -8.45 15.06
CA PRO C 43 15.93 -7.64 13.86
C PRO C 43 16.37 -8.63 12.79
N VAL C 44 16.03 -8.38 11.53
CA VAL C 44 16.41 -9.30 10.47
C VAL C 44 16.52 -8.54 9.15
N ILE C 45 17.28 -9.10 8.22
CA ILE C 45 17.44 -8.52 6.91
C ILE C 45 16.93 -9.54 5.88
N LEU C 46 16.08 -9.06 4.97
CA LEU C 46 15.56 -9.89 3.90
C LEU C 46 16.47 -9.64 2.68
N ALA C 47 17.23 -10.66 2.27
CA ALA C 47 18.14 -10.52 1.14
C ALA C 47 17.55 -11.07 -0.14
N LEU C 48 17.67 -10.29 -1.21
CA LEU C 48 17.18 -10.71 -2.51
C LEU C 48 18.26 -10.54 -3.55
N SER C 49 18.61 -11.63 -4.22
CA SER C 49 19.62 -11.60 -5.27
C SER C 49 18.90 -11.26 -6.56
N GLU C 50 19.66 -11.03 -7.62
CA GLU C 50 19.07 -10.73 -8.91
C GLU C 50 18.25 -11.92 -9.40
N GLY C 51 18.64 -13.13 -9.02
CA GLY C 51 17.90 -14.31 -9.39
C GLY C 51 16.51 -14.21 -8.76
N ALA C 52 16.48 -13.74 -7.51
CA ALA C 52 15.25 -13.55 -6.75
C ALA C 52 14.37 -12.50 -7.45
N MSE C 53 15.00 -11.41 -7.88
CA MSE C 53 14.29 -10.34 -8.57
C MSE C 53 13.62 -10.85 -9.84
O MSE C 53 12.47 -10.50 -10.14
CB MSE C 53 15.26 -9.22 -8.95
CG MSE C 53 16.10 -8.72 -7.79
SE MSE C 53 15.58 -6.97 -7.20
CE MSE C 53 16.75 -5.92 -8.31
N LYS C 54 14.34 -11.68 -10.58
CA LYS C 54 13.82 -12.25 -11.81
C LYS C 54 12.73 -13.28 -11.51
N TYR C 55 13.01 -14.20 -10.62
CA TYR C 55 12.06 -15.25 -10.26
C TYR C 55 10.79 -14.73 -9.60
N GLY C 56 10.95 -13.88 -8.59
CA GLY C 56 9.78 -13.37 -7.89
C GLY C 56 9.10 -12.18 -8.53
N GLY C 57 9.83 -11.40 -9.32
CA GLY C 57 9.24 -10.24 -9.96
C GLY C 57 8.67 -9.23 -8.98
N ARG C 58 7.76 -8.41 -9.47
CA ARG C 58 7.14 -7.38 -8.65
C ARG C 58 6.32 -7.99 -7.52
N ALA C 59 5.81 -9.19 -7.75
CA ALA C 59 5.03 -9.87 -6.74
C ALA C 59 5.91 -10.03 -5.50
N LEU C 60 7.11 -10.55 -5.70
CA LEU C 60 7.99 -10.76 -4.55
C LEU C 60 8.46 -9.45 -3.92
N THR C 61 8.97 -8.54 -4.74
CA THR C 61 9.48 -7.28 -4.21
C THR C 61 8.47 -6.46 -3.43
N ARG C 62 7.25 -6.34 -3.93
CA ARG C 62 6.24 -5.56 -3.22
C ARG C 62 5.81 -6.23 -1.91
N MSE C 63 5.80 -7.56 -1.91
CA MSE C 63 5.42 -8.29 -0.72
C MSE C 63 6.46 -8.21 0.39
O MSE C 63 6.15 -8.02 1.56
CB MSE C 63 5.20 -9.75 -1.06
CG MSE C 63 5.13 -10.62 0.16
SE MSE C 63 4.79 -12.42 -0.32
CE MSE C 63 2.90 -12.28 -0.41
N VAL C 64 7.72 -8.36 0.02
CA VAL C 64 8.81 -8.32 0.98
C VAL C 64 8.86 -6.97 1.69
N VAL C 65 8.68 -5.91 0.90
CA VAL C 65 8.71 -4.55 1.42
C VAL C 65 7.54 -4.29 2.36
N ALA C 66 6.34 -4.69 1.92
CA ALA C 66 5.13 -4.52 2.70
C ALA C 66 5.17 -5.30 4.02
N LEU C 67 5.59 -6.55 3.97
CA LEU C 67 5.68 -7.36 5.17
C LEU C 67 6.76 -6.79 6.10
N ALA C 68 7.81 -6.22 5.50
CA ALA C 68 8.88 -5.63 6.29
C ALA C 68 8.37 -4.45 7.09
N GLN C 69 7.54 -3.62 6.45
CA GLN C 69 6.99 -2.45 7.11
C GLN C 69 6.08 -2.89 8.25
N GLU C 70 5.27 -3.92 7.98
CA GLU C 70 4.32 -4.47 8.94
C GLU C 70 4.91 -5.12 10.18
N ALA C 71 6.04 -5.80 10.03
CA ALA C 71 6.70 -6.49 11.14
C ALA C 71 6.86 -5.61 12.38
N ARG C 72 6.83 -6.23 13.55
CA ARG C 72 6.99 -5.52 14.82
C ARG C 72 8.46 -5.56 15.22
N VAL C 73 9.32 -5.82 14.26
CA VAL C 73 10.75 -5.89 14.54
C VAL C 73 11.45 -5.18 13.40
N PRO C 74 12.66 -4.67 13.64
CA PRO C 74 13.41 -3.97 12.58
C PRO C 74 13.69 -4.90 11.41
N VAL C 75 13.29 -4.50 10.20
CA VAL C 75 13.54 -5.29 9.00
C VAL C 75 14.12 -4.45 7.86
N ALA C 76 15.25 -4.87 7.32
CA ALA C 76 15.83 -4.15 6.20
C ALA C 76 15.66 -5.08 5.00
N VAL C 77 15.60 -4.51 3.80
CA VAL C 77 15.47 -5.31 2.59
C VAL C 77 16.63 -4.92 1.70
N HIS C 78 17.62 -5.82 1.59
CA HIS C 78 18.84 -5.57 0.80
C HIS C 78 18.91 -6.30 -0.55
N LEU C 79 19.58 -5.69 -1.52
CA LEU C 79 19.73 -6.27 -2.85
C LEU C 79 21.03 -6.95 -2.41
N ASP C 80 21.35 -8.13 -2.90
CA ASP C 80 22.63 -8.74 -2.48
C ASP C 80 23.26 -8.88 -3.87
N HIS C 81 24.54 -8.54 -3.95
CA HIS C 81 25.33 -8.65 -5.19
C HIS C 81 24.72 -8.11 -6.48
N GLY C 82 24.40 -6.82 -6.50
CA GLY C 82 23.84 -6.24 -7.71
C GLY C 82 24.90 -6.29 -8.81
N SER C 83 24.51 -6.61 -10.03
CA SER C 83 25.49 -6.69 -11.11
C SER C 83 25.68 -5.41 -11.93
N SER C 84 24.90 -4.38 -11.65
CA SER C 84 25.05 -3.13 -12.39
C SER C 84 24.32 -1.95 -11.76
N TYR C 85 24.65 -0.76 -12.25
CA TYR C 85 24.03 0.46 -11.78
C TYR C 85 22.52 0.37 -12.01
N GLU C 86 22.14 -0.07 -13.22
CA GLU C 86 20.73 -0.21 -13.60
C GLU C 86 20.01 -1.17 -12.66
N SER C 87 20.70 -2.23 -12.27
CA SER C 87 20.12 -3.22 -11.37
C SER C 87 19.87 -2.55 -10.03
N VAL C 88 20.86 -1.81 -9.54
CA VAL C 88 20.72 -1.10 -8.27
C VAL C 88 19.58 -0.11 -8.34
N LEU C 89 19.42 0.56 -9.48
CA LEU C 89 18.34 1.54 -9.64
C LEU C 89 16.97 0.86 -9.52
N LYS C 90 16.83 -0.32 -10.11
CA LYS C 90 15.55 -1.01 -10.03
C LYS C 90 15.24 -1.31 -8.57
N ALA C 91 16.26 -1.74 -7.83
CA ALA C 91 16.11 -2.06 -6.41
C ALA C 91 15.69 -0.82 -5.60
N LEU C 92 16.16 0.35 -6.01
CA LEU C 92 15.78 1.57 -5.31
C LEU C 92 14.31 1.81 -5.67
N ARG C 93 13.99 1.58 -6.94
CA ARG C 93 12.62 1.74 -7.43
C ARG C 93 11.64 0.88 -6.64
N GLU C 94 12.00 -0.38 -6.37
CA GLU C 94 11.10 -1.27 -5.64
C GLU C 94 11.08 -1.11 -4.11
N GLY C 95 11.70 -0.06 -3.58
CA GLY C 95 11.65 0.17 -2.14
C GLY C 95 12.68 -0.52 -1.26
N PHE C 96 13.76 -1.02 -1.84
CA PHE C 96 14.77 -1.66 -1.00
C PHE C 96 15.38 -0.58 -0.10
N THR C 97 15.86 -0.97 1.08
CA THR C 97 16.47 0.00 2.01
C THR C 97 18.01 -0.09 2.07
N SER C 98 18.57 -1.02 1.30
CA SER C 98 20.03 -1.18 1.18
C SER C 98 20.30 -1.91 -0.11
N VAL C 99 21.33 -1.49 -0.81
CA VAL C 99 21.68 -2.11 -2.07
C VAL C 99 23.19 -2.30 -2.07
N MSE C 100 23.68 -3.01 -3.08
CA MSE C 100 25.11 -3.24 -3.21
C MSE C 100 25.35 -3.70 -4.63
O MSE C 100 24.49 -4.31 -5.25
CB MSE C 100 25.59 -4.32 -2.22
CG MSE C 100 25.21 -5.74 -2.57
SE MSE C 100 26.13 -7.07 -1.47
CE MSE C 100 24.73 -7.38 -0.17
N ILE C 101 26.53 -3.39 -5.14
CA ILE C 101 26.87 -3.78 -6.50
C ILE C 101 28.13 -4.61 -6.37
N ASP C 102 28.26 -5.62 -7.21
CA ASP C 102 29.46 -6.46 -7.15
C ASP C 102 30.29 -6.32 -8.41
N LYS C 103 31.39 -5.61 -8.28
CA LYS C 103 32.33 -5.38 -9.36
C LYS C 103 33.69 -5.70 -8.78
N SER C 104 33.69 -6.48 -7.71
CA SER C 104 34.90 -6.89 -7.02
C SER C 104 35.80 -7.75 -7.92
N HIS C 105 35.29 -8.11 -9.09
CA HIS C 105 36.09 -8.89 -10.02
C HIS C 105 36.92 -7.91 -10.83
N GLU C 106 36.43 -6.69 -10.94
CA GLU C 106 37.12 -5.62 -11.67
C GLU C 106 38.30 -5.08 -10.88
N ASP C 107 39.13 -4.28 -11.53
CA ASP C 107 40.28 -3.69 -10.87
C ASP C 107 39.79 -2.63 -9.89
N PHE C 108 40.61 -2.33 -8.91
CA PHE C 108 40.30 -1.36 -7.85
C PHE C 108 39.60 -0.06 -8.29
N GLU C 109 40.23 0.72 -9.15
CA GLU C 109 39.66 1.98 -9.62
C GLU C 109 38.29 1.79 -10.28
N THR C 110 38.15 0.75 -11.09
CA THR C 110 36.88 0.49 -11.74
C THR C 110 35.87 0.17 -10.63
N ASN C 111 36.27 -0.65 -9.67
CA ASN C 111 35.39 -1.01 -8.57
C ASN C 111 34.99 0.22 -7.77
N VAL C 112 35.95 1.11 -7.50
CA VAL C 112 35.67 2.32 -6.75
C VAL C 112 34.70 3.21 -7.50
N ARG C 113 34.95 3.43 -8.79
CA ARG C 113 34.08 4.25 -9.61
C ARG C 113 32.64 3.71 -9.57
N GLU C 114 32.49 2.42 -9.84
CA GLU C 114 31.18 1.78 -9.83
C GLU C 114 30.48 1.85 -8.47
N THR C 115 31.23 1.68 -7.37
CA THR C 115 30.59 1.71 -6.07
C THR C 115 30.17 3.12 -5.68
N LYS C 116 31.08 4.06 -5.86
CA LYS C 116 30.80 5.45 -5.52
C LYS C 116 29.55 5.95 -6.24
N ARG C 117 29.41 5.62 -7.52
CA ARG C 117 28.23 6.04 -8.27
C ARG C 117 26.97 5.46 -7.61
N VAL C 118 27.04 4.20 -7.19
CA VAL C 118 25.91 3.57 -6.50
C VAL C 118 25.66 4.26 -5.17
N VAL C 119 26.72 4.61 -4.45
CA VAL C 119 26.55 5.28 -3.16
C VAL C 119 25.80 6.60 -3.30
N GLU C 120 26.17 7.36 -4.31
CA GLU C 120 25.54 8.66 -4.54
C GLU C 120 24.04 8.52 -4.83
N ALA C 121 23.69 7.53 -5.63
CA ALA C 121 22.27 7.30 -5.97
C ALA C 121 21.47 6.83 -4.76
N ALA C 122 22.02 5.89 -3.99
CA ALA C 122 21.31 5.37 -2.84
C ALA C 122 21.11 6.41 -1.76
N HIS C 123 22.21 7.05 -1.34
CA HIS C 123 22.13 8.05 -0.30
C HIS C 123 21.22 9.21 -0.65
N ALA C 124 21.17 9.56 -1.94
CA ALA C 124 20.31 10.65 -2.36
C ALA C 124 18.88 10.22 -2.07
N VAL C 125 18.68 8.91 -1.95
CA VAL C 125 17.37 8.32 -1.73
C VAL C 125 17.16 7.75 -0.29
N GLY C 126 18.12 7.98 0.60
CA GLY C 126 17.98 7.50 1.96
C GLY C 126 18.21 6.02 2.13
N VAL C 127 18.88 5.42 1.15
CA VAL C 127 19.19 3.99 1.14
C VAL C 127 20.68 3.77 1.40
N THR C 128 21.02 2.74 2.16
CA THR C 128 22.43 2.46 2.47
C THR C 128 23.02 1.44 1.50
N VAL C 129 24.35 1.41 1.44
CA VAL C 129 25.02 0.51 0.51
C VAL C 129 26.17 -0.30 1.09
N GLU C 130 26.24 -1.55 0.68
CA GLU C 130 27.28 -2.47 1.12
C GLU C 130 28.27 -2.58 -0.03
N ALA C 131 29.55 -2.37 0.27
CA ALA C 131 30.58 -2.45 -0.76
C ALA C 131 31.25 -3.83 -0.72
N GLU C 132 31.80 -4.26 -1.85
CA GLU C 132 32.47 -5.55 -1.92
C GLU C 132 33.87 -5.42 -2.51
N LEU C 133 34.86 -5.88 -1.76
CA LEU C 133 36.26 -5.84 -2.17
C LEU C 133 36.85 -7.23 -1.91
N GLY C 134 37.26 -7.91 -2.97
CA GLY C 134 37.83 -9.25 -2.81
C GLY C 134 36.93 -10.32 -3.40
N ARG C 135 37.52 -11.48 -3.69
CA ARG C 135 36.76 -12.60 -4.26
C ARG C 135 36.40 -13.63 -3.19
N LEU C 136 35.12 -13.99 -3.12
CA LEU C 136 34.70 -14.98 -2.15
C LEU C 136 35.21 -16.34 -2.61
N ALA C 137 36.25 -16.83 -1.94
CA ALA C 137 36.84 -18.11 -2.28
C ALA C 137 37.37 -18.78 -1.01
N GLY C 138 37.20 -20.09 -0.92
CA GLY C 138 37.70 -20.80 0.25
C GLY C 138 39.21 -20.90 0.16
N ILE C 139 39.86 -21.04 1.31
CA ILE C 139 41.32 -21.15 1.33
C ILE C 139 41.76 -22.09 2.47
N GLU C 140 43.06 -22.32 2.57
CA GLU C 140 43.60 -23.20 3.60
C GLU C 140 44.71 -22.53 4.40
N GLU C 147 48.46 -16.57 -4.54
CA GLU C 147 47.47 -17.29 -3.75
C GLU C 147 47.04 -16.49 -2.53
N LYS C 148 48.01 -15.96 -1.81
CA LYS C 148 47.77 -15.19 -0.60
C LYS C 148 46.66 -14.15 -0.81
N ASP C 149 46.99 -13.04 -1.44
CA ASP C 149 46.02 -11.98 -1.67
C ASP C 149 45.47 -11.97 -3.08
N ALA C 150 45.57 -13.11 -3.76
CA ALA C 150 45.07 -13.21 -5.12
C ALA C 150 43.55 -13.10 -5.13
N LEU C 151 42.92 -13.65 -4.09
CA LEU C 151 41.47 -13.63 -3.97
C LEU C 151 40.94 -13.25 -2.58
N LEU C 152 41.81 -12.72 -1.73
CA LEU C 152 41.36 -12.32 -0.39
C LEU C 152 41.21 -10.82 -0.23
N THR C 153 40.67 -10.40 0.91
CA THR C 153 40.45 -8.99 1.19
C THR C 153 41.66 -8.32 1.83
N ASN C 154 42.35 -7.51 1.02
CA ASN C 154 43.52 -6.80 1.51
C ASN C 154 43.01 -5.70 2.42
N PRO C 155 43.25 -5.81 3.74
CA PRO C 155 42.81 -4.83 4.73
C PRO C 155 43.07 -3.36 4.42
N GLU C 156 44.33 -2.97 4.27
CA GLU C 156 44.65 -1.57 3.99
C GLU C 156 43.86 -1.07 2.78
N GLU C 157 43.64 -1.96 1.82
CA GLU C 157 42.90 -1.60 0.63
C GLU C 157 41.43 -1.33 0.97
N ALA C 158 40.92 -2.03 1.97
CA ALA C 158 39.53 -1.85 2.39
C ALA C 158 39.35 -0.42 2.90
N ARG C 159 40.15 -0.04 3.88
CA ARG C 159 40.08 1.30 4.46
C ARG C 159 40.07 2.38 3.39
N ILE C 160 40.89 2.17 2.36
CA ILE C 160 40.98 3.11 1.25
C ILE C 160 39.71 3.00 0.39
N PHE C 161 39.20 1.78 0.28
CA PHE C 161 38.00 1.53 -0.50
C PHE C 161 36.80 2.22 0.15
N MSE C 162 36.69 2.06 1.46
CA MSE C 162 35.60 2.68 2.20
C MSE C 162 35.69 4.21 2.20
O MSE C 162 34.66 4.89 2.10
CB MSE C 162 35.58 2.15 3.64
CG MSE C 162 35.17 0.68 3.72
SE MSE C 162 33.36 0.39 3.01
CE MSE C 162 32.39 0.60 4.66
N GLU C 163 36.89 4.74 2.31
CA GLU C 163 37.04 6.19 2.33
C GLU C 163 36.69 6.85 1.01
N ARG C 164 37.15 6.27 -0.10
CA ARG C 164 36.84 6.86 -1.40
C ARG C 164 35.38 6.63 -1.83
N THR C 165 34.81 5.48 -1.46
CA THR C 165 33.42 5.18 -1.78
C THR C 165 32.70 5.33 -0.45
N GLY C 166 31.89 6.35 -0.30
CA GLY C 166 31.22 6.52 0.99
C GLY C 166 30.34 5.37 1.44
N ALA C 167 30.59 4.15 0.95
CA ALA C 167 29.82 2.96 1.30
C ALA C 167 29.60 2.85 2.81
N ASP C 168 28.44 2.32 3.20
CA ASP C 168 28.06 2.19 4.60
C ASP C 168 28.59 0.98 5.38
N TYR C 169 28.72 -0.16 4.71
CA TYR C 169 29.27 -1.37 5.35
C TYR C 169 30.04 -2.15 4.29
N LEU C 170 30.92 -3.04 4.74
CA LEU C 170 31.78 -3.79 3.84
C LEU C 170 31.70 -5.31 3.93
N ALA C 171 31.58 -5.96 2.77
CA ALA C 171 31.52 -7.40 2.69
C ALA C 171 32.97 -7.86 2.49
N VAL C 172 33.43 -8.80 3.31
CA VAL C 172 34.80 -9.26 3.21
C VAL C 172 34.96 -10.70 2.76
N ALA C 173 36.12 -10.99 2.18
CA ALA C 173 36.45 -12.33 1.71
C ALA C 173 37.60 -12.83 2.57
N ILE C 174 37.26 -13.49 3.66
CA ILE C 174 38.23 -14.04 4.59
C ILE C 174 38.14 -15.55 4.62
N GLY C 175 37.71 -16.14 3.50
CA GLY C 175 37.62 -17.58 3.43
C GLY C 175 36.27 -18.17 3.00
N THR C 176 35.20 -17.39 3.07
CA THR C 176 33.89 -17.92 2.69
C THR C 176 33.65 -17.96 1.17
N SER C 177 32.63 -18.72 0.78
CA SER C 177 32.25 -18.86 -0.60
C SER C 177 30.85 -19.46 -0.63
N HIS C 178 30.09 -19.18 -1.68
CA HIS C 178 28.71 -19.67 -1.81
C HIS C 178 28.59 -21.16 -2.12
N GLY C 179 27.45 -21.73 -1.76
CA GLY C 179 27.22 -23.15 -2.02
C GLY C 179 27.41 -24.07 -0.83
N ALA C 180 27.23 -25.37 -1.07
CA ALA C 180 27.36 -26.38 -0.03
C ALA C 180 28.68 -27.17 -0.10
N TYR C 181 29.69 -26.56 -0.72
CA TYR C 181 31.01 -27.18 -0.85
C TYR C 181 32.06 -26.08 -0.63
N LYS C 182 32.22 -25.69 0.64
CA LYS C 182 33.14 -24.63 1.03
C LYS C 182 34.59 -25.05 1.32
N GLY C 183 34.86 -26.35 1.35
CA GLY C 183 36.22 -26.80 1.62
C GLY C 183 36.31 -28.06 2.45
N LYS C 184 37.22 -28.95 2.06
CA LYS C 184 37.42 -30.22 2.76
C LYS C 184 37.63 -30.00 4.25
N GLY C 185 36.96 -30.79 5.06
CA GLY C 185 37.08 -30.66 6.51
C GLY C 185 36.39 -29.41 7.02
N ARG C 186 37.08 -28.66 7.87
CA ARG C 186 36.55 -27.43 8.42
C ARG C 186 37.03 -26.25 7.57
N PRO C 187 36.10 -25.52 6.94
CA PRO C 187 36.46 -24.37 6.10
C PRO C 187 37.35 -23.40 6.85
N PHE C 188 38.49 -23.07 6.25
CA PHE C 188 39.42 -22.16 6.90
C PHE C 188 38.96 -20.70 6.83
N ILE C 189 38.84 -20.08 7.99
CA ILE C 189 38.44 -18.68 8.08
C ILE C 189 39.63 -17.86 8.56
N ASP C 190 40.07 -16.93 7.73
CA ASP C 190 41.20 -16.08 8.05
C ASP C 190 40.82 -14.98 9.05
N HIS C 191 40.64 -15.36 10.31
CA HIS C 191 40.26 -14.40 11.35
C HIS C 191 41.23 -13.23 11.48
N PRO C 192 42.55 -13.49 11.54
CA PRO C 192 43.53 -12.40 11.68
C PRO C 192 43.28 -11.33 10.63
N ARG C 193 43.09 -11.78 9.40
CA ARG C 193 42.82 -10.91 8.26
C ARG C 193 41.61 -10.04 8.60
N LEU C 194 40.59 -10.67 9.19
CA LEU C 194 39.36 -10.01 9.58
C LEU C 194 39.65 -8.98 10.65
N ALA C 195 40.34 -9.43 11.70
CA ALA C 195 40.67 -8.56 12.84
C ALA C 195 41.47 -7.32 12.46
N ARG C 196 42.33 -7.42 11.46
CA ARG C 196 43.12 -6.28 11.03
C ARG C 196 42.19 -5.31 10.30
N ILE C 197 41.53 -5.82 9.26
CA ILE C 197 40.58 -5.03 8.48
C ILE C 197 39.67 -4.31 9.45
N ALA C 198 39.25 -5.03 10.48
CA ALA C 198 38.37 -4.47 11.50
C ALA C 198 38.95 -3.22 12.16
N LYS C 199 40.25 -3.20 12.34
CA LYS C 199 40.91 -2.04 12.94
C LYS C 199 41.00 -0.92 11.93
N LEU C 200 41.18 -1.28 10.65
CA LEU C 200 41.28 -0.30 9.58
C LEU C 200 39.91 0.16 9.08
N VAL C 201 38.86 -0.58 9.41
CA VAL C 201 37.50 -0.23 8.98
C VAL C 201 36.50 -0.44 10.12
N PRO C 202 36.08 0.65 10.78
CA PRO C 202 35.14 0.61 11.89
C PRO C 202 33.69 0.35 11.50
N ALA C 203 33.35 0.62 10.25
CA ALA C 203 32.00 0.40 9.76
C ALA C 203 31.67 -1.09 9.84
N PRO C 204 30.39 -1.42 10.09
CA PRO C 204 30.01 -2.83 10.19
C PRO C 204 30.49 -3.69 9.02
N LEU C 205 30.88 -4.92 9.35
CA LEU C 205 31.37 -5.88 8.37
C LEU C 205 30.30 -6.88 8.00
N VAL C 206 30.40 -7.42 6.79
CA VAL C 206 29.45 -8.38 6.29
C VAL C 206 30.13 -9.67 5.84
N LEU C 207 29.50 -10.79 6.15
CA LEU C 207 30.04 -12.07 5.78
C LEU C 207 29.04 -12.84 4.94
N HIS C 208 29.35 -13.01 3.67
CA HIS C 208 28.51 -13.74 2.73
C HIS C 208 29.01 -15.18 2.66
N GLY C 209 28.24 -16.04 1.99
CA GLY C 209 28.59 -17.45 1.86
C GLY C 209 28.91 -18.02 3.22
N ALA C 210 28.01 -17.81 4.17
CA ALA C 210 28.25 -18.28 5.51
C ALA C 210 27.35 -19.39 6.03
N SER C 211 26.69 -20.12 5.12
CA SER C 211 25.83 -21.22 5.53
C SER C 211 26.65 -22.28 6.25
N ALA C 212 26.05 -22.94 7.23
CA ALA C 212 26.73 -23.98 7.99
C ALA C 212 26.69 -25.32 7.29
N VAL C 213 25.65 -25.58 6.51
CA VAL C 213 25.51 -26.84 5.80
C VAL C 213 25.68 -27.98 6.80
N PRO C 214 24.87 -27.99 7.87
CA PRO C 214 24.96 -29.03 8.89
C PRO C 214 24.74 -30.46 8.39
N GLN C 215 25.56 -31.37 8.90
CA GLN C 215 25.53 -32.79 8.51
C GLN C 215 24.17 -33.44 8.66
N GLU C 216 23.48 -33.17 9.77
CA GLU C 216 22.18 -33.76 10.02
C GLU C 216 21.11 -33.31 9.03
N LEU C 217 21.45 -32.30 8.21
CA LEU C 217 20.54 -31.79 7.21
C LEU C 217 20.95 -32.40 5.89
N VAL C 218 22.26 -32.54 5.70
CA VAL C 218 22.79 -33.14 4.49
C VAL C 218 22.30 -34.59 4.43
N GLU C 219 22.49 -35.32 5.52
CA GLU C 219 22.07 -36.71 5.59
C GLU C 219 20.55 -36.77 5.55
N ARG C 220 19.90 -35.73 6.05
CA ARG C 220 18.44 -35.68 6.04
C ARG C 220 18.00 -35.56 4.59
N PHE C 221 18.78 -34.83 3.80
CA PHE C 221 18.50 -34.63 2.38
C PHE C 221 18.62 -35.95 1.65
N ARG C 222 19.75 -36.64 1.82
CA ARG C 222 19.97 -37.93 1.18
C ARG C 222 18.83 -38.89 1.55
N ALA C 223 18.50 -38.94 2.83
CA ALA C 223 17.41 -39.80 3.29
C ALA C 223 16.15 -39.28 2.61
N ALA C 224 15.30 -40.19 2.14
CA ALA C 224 14.08 -39.78 1.45
C ALA C 224 14.38 -38.55 0.59
N GLY C 225 15.26 -38.71 -0.38
CA GLY C 225 15.60 -37.59 -1.23
C GLY C 225 16.70 -37.80 -2.26
N GLY C 226 17.28 -36.70 -2.70
CA GLY C 226 18.33 -36.75 -3.71
C GLY C 226 19.73 -37.01 -3.18
N GLU C 227 20.72 -36.75 -4.03
CA GLU C 227 22.11 -36.98 -3.70
C GLU C 227 22.87 -35.68 -3.49
N ILE C 228 23.96 -35.76 -2.72
CA ILE C 228 24.78 -34.59 -2.44
C ILE C 228 26.21 -35.04 -2.12
N GLY C 229 27.18 -34.29 -2.64
CA GLY C 229 28.58 -34.62 -2.41
C GLY C 229 29.02 -34.42 -0.96
N GLU C 230 30.33 -34.32 -0.76
CA GLU C 230 30.89 -34.13 0.58
C GLU C 230 30.62 -32.72 1.09
N ALA C 231 29.35 -32.35 1.18
CA ALA C 231 28.93 -31.04 1.64
C ALA C 231 29.68 -30.58 2.89
N SER C 232 29.97 -29.29 2.95
CA SER C 232 30.67 -28.72 4.09
C SER C 232 30.45 -27.20 4.13
N GLY C 233 30.13 -26.68 5.32
CA GLY C 233 29.91 -25.26 5.48
C GLY C 233 30.81 -24.69 6.54
N ILE C 234 30.61 -23.41 6.88
CA ILE C 234 31.43 -22.77 7.89
C ILE C 234 31.08 -23.27 9.28
N HIS C 235 32.11 -23.61 10.05
CA HIS C 235 31.95 -24.10 11.41
C HIS C 235 31.34 -23.02 12.31
N PRO C 236 30.39 -23.39 13.18
CA PRO C 236 29.74 -22.43 14.07
C PRO C 236 30.73 -21.56 14.84
N GLU C 237 31.84 -22.15 15.26
CA GLU C 237 32.85 -21.42 16.00
C GLU C 237 33.46 -20.31 15.15
N ASP C 238 33.67 -20.59 13.87
CA ASP C 238 34.23 -19.59 12.98
C ASP C 238 33.26 -18.43 12.80
N ILE C 239 31.97 -18.68 13.03
CA ILE C 239 30.97 -17.63 12.90
C ILE C 239 30.95 -16.82 14.20
N LYS C 240 30.91 -17.52 15.33
CA LYS C 240 30.89 -16.89 16.63
C LYS C 240 32.06 -15.93 16.87
N LYS C 241 33.23 -16.30 16.37
CA LYS C 241 34.42 -15.48 16.55
C LYS C 241 34.49 -14.36 15.51
N ALA C 242 34.15 -14.68 14.26
CA ALA C 242 34.17 -13.68 13.20
C ALA C 242 33.29 -12.49 13.61
N ILE C 243 32.21 -12.77 14.32
CA ILE C 243 31.31 -11.73 14.79
C ILE C 243 31.96 -10.92 15.91
N SER C 244 32.63 -11.60 16.84
CA SER C 244 33.29 -10.91 17.94
C SER C 244 34.33 -9.92 17.39
N LEU C 245 34.88 -10.25 16.22
CA LEU C 245 35.87 -9.40 15.59
C LEU C 245 35.30 -8.34 14.64
N GLY C 246 33.99 -8.16 14.61
CA GLY C 246 33.42 -7.14 13.74
C GLY C 246 32.40 -7.51 12.68
N ILE C 247 32.12 -8.80 12.52
CA ILE C 247 31.13 -9.18 11.53
C ILE C 247 29.78 -8.84 12.15
N ALA C 248 29.07 -7.91 11.51
CA ALA C 248 27.76 -7.48 12.02
C ALA C 248 26.58 -8.04 11.19
N LYS C 249 26.89 -8.56 10.01
CA LYS C 249 25.88 -9.10 9.11
C LYS C 249 26.31 -10.42 8.51
N ILE C 250 25.46 -11.44 8.66
CA ILE C 250 25.75 -12.77 8.13
C ILE C 250 24.64 -13.29 7.21
N ASN C 251 25.02 -13.62 5.97
CA ASN C 251 24.07 -14.11 5.00
C ASN C 251 23.92 -15.62 4.97
N THR C 252 22.68 -16.08 4.88
CA THR C 252 22.38 -17.52 4.82
C THR C 252 21.40 -17.77 3.68
N ASP C 253 21.78 -18.63 2.75
CA ASP C 253 20.92 -18.97 1.62
C ASP C 253 20.82 -20.48 1.45
N THR C 254 21.96 -21.13 1.26
CA THR C 254 22.03 -22.59 1.08
C THR C 254 21.35 -23.40 2.16
N ASP C 255 21.59 -23.05 3.42
CA ASP C 255 20.95 -23.79 4.51
C ASP C 255 19.45 -23.82 4.33
N LEU C 256 18.88 -22.69 3.89
CA LEU C 256 17.44 -22.63 3.72
C LEU C 256 16.96 -23.46 2.53
N ARG C 257 17.68 -23.39 1.42
CA ARG C 257 17.30 -24.16 0.23
C ARG C 257 17.28 -25.65 0.57
N LEU C 258 18.34 -26.10 1.24
CA LEU C 258 18.46 -27.50 1.62
C LEU C 258 17.33 -27.94 2.55
N ALA C 259 17.14 -27.21 3.64
CA ALA C 259 16.07 -27.52 4.59
C ALA C 259 14.73 -27.66 3.86
N PHE C 260 14.40 -26.63 3.09
CA PHE C 260 13.15 -26.58 2.33
C PHE C 260 12.99 -27.78 1.39
N THR C 261 13.98 -27.99 0.52
CA THR C 261 13.89 -29.10 -0.41
C THR C 261 13.81 -30.45 0.30
N ALA C 262 14.59 -30.60 1.37
CA ALA C 262 14.56 -31.84 2.15
C ALA C 262 13.12 -32.16 2.58
N LEU C 263 12.45 -31.21 3.19
CA LEU C 263 11.07 -31.43 3.62
C LEU C 263 10.16 -31.73 2.42
N VAL C 264 10.31 -30.94 1.35
CA VAL C 264 9.49 -31.15 0.17
C VAL C 264 9.68 -32.60 -0.28
N ARG C 265 10.93 -33.01 -0.41
CA ARG C 265 11.23 -34.36 -0.83
C ARG C 265 10.73 -35.45 0.11
N GLU C 266 10.75 -35.20 1.42
CA GLU C 266 10.30 -36.23 2.35
C GLU C 266 8.80 -36.39 2.37
N THR C 267 8.07 -35.28 2.29
CA THR C 267 6.61 -35.35 2.31
C THR C 267 6.09 -36.01 1.04
N LEU C 268 6.64 -35.63 -0.11
CA LEU C 268 6.23 -36.21 -1.37
C LEU C 268 6.62 -37.68 -1.45
N GLY C 269 7.83 -37.99 -1.01
CA GLY C 269 8.29 -39.36 -1.04
C GLY C 269 7.50 -40.27 -0.13
N LYS C 270 7.09 -39.76 1.02
CA LYS C 270 6.32 -40.54 1.99
C LYS C 270 4.83 -40.58 1.69
N ASN C 271 4.38 -39.72 0.78
CA ASN C 271 2.96 -39.66 0.44
C ASN C 271 2.74 -39.45 -1.06
N PRO C 272 2.89 -40.52 -1.85
CA PRO C 272 2.73 -40.50 -3.30
C PRO C 272 1.41 -39.90 -3.79
N LYS C 273 0.35 -40.01 -3.00
CA LYS C 273 -0.95 -39.48 -3.39
C LYS C 273 -1.11 -37.97 -3.24
N GLU C 274 -0.25 -37.37 -2.43
CA GLU C 274 -0.30 -35.94 -2.16
C GLU C 274 -0.04 -35.02 -3.36
N PHE C 275 -0.94 -34.06 -3.56
CA PHE C 275 -0.76 -33.07 -4.60
C PHE C 275 -1.33 -31.72 -4.20
N ASP C 276 -1.58 -31.55 -2.90
CA ASP C 276 -2.04 -30.27 -2.38
C ASP C 276 -0.69 -29.61 -1.98
N PRO C 277 -0.26 -28.60 -2.74
CA PRO C 277 1.01 -27.91 -2.47
C PRO C 277 1.27 -27.52 -1.02
N ARG C 278 0.26 -26.98 -0.34
CA ARG C 278 0.46 -26.58 1.05
C ARG C 278 0.90 -27.71 1.96
N LYS C 279 0.59 -28.96 1.58
CA LYS C 279 0.97 -30.11 2.39
C LYS C 279 2.45 -30.46 2.31
N TYR C 280 3.11 -30.04 1.24
CA TYR C 280 4.54 -30.29 1.17
C TYR C 280 5.37 -28.99 1.24
N LEU C 281 4.76 -27.86 0.93
CA LEU C 281 5.50 -26.60 1.00
C LEU C 281 5.39 -26.08 2.43
N GLY C 282 4.27 -26.39 3.06
CA GLY C 282 4.02 -25.97 4.43
C GLY C 282 5.10 -26.45 5.38
N PRO C 283 5.30 -27.79 5.49
CA PRO C 283 6.34 -28.24 6.41
C PRO C 283 7.74 -27.83 5.92
N ALA C 284 7.85 -27.56 4.63
CA ALA C 284 9.12 -27.11 4.07
C ALA C 284 9.40 -25.71 4.65
N ARG C 285 8.36 -24.89 4.69
CA ARG C 285 8.43 -23.54 5.24
C ARG C 285 8.76 -23.56 6.74
N GLU C 286 8.25 -24.57 7.43
CA GLU C 286 8.49 -24.71 8.86
C GLU C 286 9.94 -25.06 9.12
N ALA C 287 10.51 -25.89 8.26
CA ALA C 287 11.91 -26.29 8.45
C ALA C 287 12.83 -25.07 8.24
N VAL C 288 12.54 -24.27 7.22
CA VAL C 288 13.35 -23.09 6.97
C VAL C 288 13.22 -22.14 8.18
N LYS C 289 12.01 -22.00 8.71
CA LYS C 289 11.81 -21.13 9.87
C LYS C 289 12.63 -21.58 11.07
N GLU C 290 12.68 -22.89 11.31
CA GLU C 290 13.46 -23.41 12.45
C GLU C 290 14.94 -23.12 12.21
N VAL C 291 15.38 -23.22 10.96
CA VAL C 291 16.77 -22.93 10.63
C VAL C 291 17.07 -21.45 10.91
N VAL C 292 16.17 -20.57 10.47
CA VAL C 292 16.40 -19.16 10.69
C VAL C 292 16.52 -18.86 12.18
N LYS C 293 15.63 -19.44 12.97
CA LYS C 293 15.65 -19.25 14.41
C LYS C 293 16.99 -19.69 14.98
N SER C 294 17.45 -20.88 14.61
CA SER C 294 18.73 -21.36 15.12
C SER C 294 19.85 -20.41 14.71
N ARG C 295 19.76 -19.87 13.50
CA ARG C 295 20.75 -18.93 12.98
C ARG C 295 20.83 -17.66 13.85
N MSE C 296 19.68 -17.09 14.14
CA MSE C 296 19.64 -15.89 14.96
C MSE C 296 20.30 -16.17 16.31
O MSE C 296 21.06 -15.35 16.81
CB MSE C 296 18.19 -15.47 15.14
CG MSE C 296 17.49 -15.28 13.80
SE MSE C 296 15.64 -14.84 13.96
CE MSE C 296 15.52 -13.77 12.32
N GLU C 297 20.00 -17.34 16.87
CA GLU C 297 20.57 -17.80 18.13
C GLU C 297 22.08 -17.83 17.99
N LEU C 298 22.56 -18.50 16.95
CA LEU C 298 23.98 -18.58 16.69
C LEU C 298 24.63 -17.20 16.56
N PHE C 299 23.97 -16.27 15.86
CA PHE C 299 24.50 -14.93 15.64
C PHE C 299 24.42 -14.00 16.84
N GLY C 300 23.59 -14.38 17.82
CA GLY C 300 23.44 -13.57 19.02
C GLY C 300 22.44 -12.42 18.90
N SER C 301 21.51 -12.49 17.95
CA SER C 301 20.54 -11.39 17.77
C SER C 301 19.20 -11.55 18.48
N VAL C 302 18.99 -12.67 19.16
CA VAL C 302 17.73 -12.88 19.86
C VAL C 302 17.47 -11.79 20.88
N GLY C 303 16.24 -11.30 20.89
CA GLY C 303 15.84 -10.24 21.80
C GLY C 303 16.44 -8.87 21.52
N ARG C 304 17.21 -8.75 20.43
CA ARG C 304 17.84 -7.47 20.12
C ARG C 304 16.95 -6.51 19.34
N ALA C 305 15.74 -6.94 19.00
CA ALA C 305 14.80 -6.12 18.26
C ALA C 305 14.69 -4.72 18.86
N MSE D 1 -7.22 -4.58 -13.12
CA MSE D 1 -7.77 -3.74 -12.02
C MSE D 1 -8.77 -4.52 -11.20
O MSE D 1 -9.55 -5.32 -11.72
CB MSE D 1 -8.40 -2.47 -12.59
CG MSE D 1 -9.56 -2.69 -13.55
SE MSE D 1 -10.29 -1.00 -14.23
CE MSE D 1 -11.46 -0.57 -12.74
N LEU D 2 -8.75 -4.27 -9.89
CA LEU D 2 -9.63 -4.96 -8.94
C LEU D 2 -11.10 -4.53 -8.98
N VAL D 3 -11.98 -5.49 -9.25
CA VAL D 3 -13.40 -5.23 -9.30
C VAL D 3 -14.17 -6.36 -8.59
N THR D 4 -15.46 -6.12 -8.35
CA THR D 4 -16.30 -7.12 -7.69
C THR D 4 -16.63 -8.22 -8.68
N GLY D 5 -17.07 -9.35 -8.18
CA GLY D 5 -17.42 -10.44 -9.07
C GLY D 5 -18.58 -10.08 -9.99
N LEU D 6 -19.59 -9.41 -9.43
CA LEU D 6 -20.78 -9.03 -10.22
C LEU D 6 -20.44 -8.30 -11.49
N GLU D 7 -19.61 -7.26 -11.37
CA GLU D 7 -19.21 -6.45 -12.51
C GLU D 7 -18.70 -7.34 -13.64
N ILE D 8 -17.81 -8.26 -13.31
CA ILE D 8 -17.23 -9.16 -14.30
C ILE D 8 -18.17 -10.30 -14.71
N LEU D 9 -18.86 -10.90 -13.75
CA LEU D 9 -19.77 -12.02 -14.01
C LEU D 9 -21.06 -11.62 -14.74
N ARG D 10 -21.56 -10.42 -14.48
CA ARG D 10 -22.77 -9.93 -15.12
C ARG D 10 -22.61 -9.86 -16.63
N LYS D 11 -21.49 -9.29 -17.08
CA LYS D 11 -21.22 -9.17 -18.52
C LYS D 11 -20.92 -10.54 -19.09
N ALA D 12 -20.32 -11.41 -18.29
CA ALA D 12 -19.97 -12.75 -18.75
C ALA D 12 -21.19 -13.49 -19.28
N ARG D 13 -22.21 -13.63 -18.45
CA ARG D 13 -23.41 -14.32 -18.87
C ARG D 13 -24.13 -13.56 -19.98
N ALA D 14 -24.10 -12.23 -19.89
CA ALA D 14 -24.75 -11.41 -20.90
C ALA D 14 -24.05 -11.50 -22.24
N GLU D 15 -22.78 -11.94 -22.23
CA GLU D 15 -22.01 -12.02 -23.45
C GLU D 15 -21.92 -13.47 -23.95
N GLY D 16 -22.36 -14.44 -23.18
CA GLY D 16 -22.31 -15.83 -23.60
C GLY D 16 -21.00 -16.56 -23.33
N TYR D 17 -20.26 -16.14 -22.32
CA TYR D 17 -18.99 -16.80 -21.99
C TYR D 17 -18.85 -16.94 -20.49
N GLY D 18 -17.85 -17.72 -20.06
CA GLY D 18 -17.66 -17.93 -18.64
C GLY D 18 -16.34 -17.38 -18.13
N VAL D 19 -16.31 -17.03 -16.85
CA VAL D 19 -15.10 -16.51 -16.25
C VAL D 19 -14.59 -17.56 -15.27
N GLY D 20 -13.29 -17.85 -15.35
CA GLY D 20 -12.72 -18.84 -14.46
C GLY D 20 -12.33 -18.26 -13.11
N ALA D 21 -12.59 -19.03 -12.06
CA ALA D 21 -12.23 -18.64 -10.71
C ALA D 21 -11.19 -19.66 -10.30
N PHE D 22 -9.93 -19.25 -10.28
CA PHE D 22 -8.84 -20.15 -9.94
C PHE D 22 -8.31 -19.93 -8.54
N ASN D 23 -8.28 -20.99 -7.75
CA ASN D 23 -7.81 -20.93 -6.37
C ASN D 23 -6.31 -20.76 -6.29
N THR D 24 -5.86 -19.95 -5.34
CA THR D 24 -4.44 -19.71 -5.13
C THR D 24 -4.06 -19.84 -3.66
N ASN D 25 -2.85 -20.33 -3.41
CA ASN D 25 -2.35 -20.51 -2.06
C ASN D 25 -1.02 -19.80 -1.81
N ASN D 26 -0.36 -19.31 -2.86
CA ASN D 26 0.90 -18.61 -2.69
C ASN D 26 1.26 -17.72 -3.88
N MSE D 27 2.51 -17.28 -3.93
CA MSE D 27 2.98 -16.40 -4.99
C MSE D 27 2.95 -17.03 -6.39
O MSE D 27 2.31 -16.49 -7.30
CB MSE D 27 4.41 -15.94 -4.71
CG MSE D 27 4.90 -14.86 -5.67
SE MSE D 27 6.76 -14.40 -5.42
CE MSE D 27 6.74 -14.21 -3.49
N GLU D 28 3.65 -18.14 -6.57
CA GLU D 28 3.71 -18.79 -7.86
C GLU D 28 2.33 -19.06 -8.46
N PHE D 29 1.38 -19.52 -7.66
CA PHE D 29 0.04 -19.77 -8.18
C PHE D 29 -0.62 -18.46 -8.61
N THR D 30 -0.52 -17.44 -7.76
CA THR D 30 -1.12 -16.13 -8.06
C THR D 30 -0.52 -15.55 -9.36
N GLN D 31 0.78 -15.75 -9.56
CA GLN D 31 1.45 -15.26 -10.76
C GLN D 31 1.01 -16.04 -12.01
N ALA D 32 0.97 -17.37 -11.89
CA ALA D 32 0.58 -18.20 -13.02
C ALA D 32 -0.78 -17.78 -13.55
N ILE D 33 -1.71 -17.58 -12.62
CA ILE D 33 -3.07 -17.20 -12.96
C ILE D 33 -3.19 -15.80 -13.55
N LEU D 34 -2.51 -14.82 -12.96
CA LEU D 34 -2.58 -13.46 -13.44
C LEU D 34 -1.89 -13.30 -14.79
N GLU D 35 -0.75 -13.97 -14.96
CA GLU D 35 -0.03 -13.90 -16.23
C GLU D 35 -0.88 -14.52 -17.33
N ALA D 36 -1.62 -15.57 -16.99
CA ALA D 36 -2.48 -16.25 -17.96
C ALA D 36 -3.56 -15.28 -18.41
N ALA D 37 -4.20 -14.62 -17.46
CA ALA D 37 -5.26 -13.65 -17.77
C ALA D 37 -4.73 -12.49 -18.64
N GLU D 38 -3.52 -12.02 -18.33
CA GLU D 38 -2.91 -10.91 -19.07
C GLU D 38 -2.71 -11.29 -20.54
N GLU D 39 -2.00 -12.40 -20.77
CA GLU D 39 -1.73 -12.87 -22.12
C GLU D 39 -3.01 -13.16 -22.90
N MSE D 40 -3.96 -13.80 -22.24
CA MSE D 40 -5.23 -14.14 -22.89
C MSE D 40 -6.16 -12.93 -22.94
O MSE D 40 -7.26 -13.02 -23.48
CB MSE D 40 -5.88 -15.28 -22.11
CG MSE D 40 -5.86 -16.65 -22.80
SE MSE D 40 -4.23 -17.11 -23.73
CE MSE D 40 -4.97 -18.25 -25.09
N LYS D 41 -5.71 -11.79 -22.39
CA LYS D 41 -6.52 -10.58 -22.34
C LYS D 41 -7.92 -10.97 -21.86
N SER D 42 -7.93 -11.68 -20.75
CA SER D 42 -9.16 -12.18 -20.16
C SER D 42 -9.43 -11.73 -18.74
N PRO D 43 -10.71 -11.56 -18.38
CA PRO D 43 -11.06 -11.15 -17.02
C PRO D 43 -10.82 -12.41 -16.18
N VAL D 44 -10.52 -12.25 -14.91
CA VAL D 44 -10.23 -13.42 -14.10
C VAL D 44 -10.67 -13.27 -12.66
N ILE D 45 -10.80 -14.40 -11.98
CA ILE D 45 -11.18 -14.39 -10.58
C ILE D 45 -10.16 -15.19 -9.79
N LEU D 46 -9.63 -14.58 -8.73
CA LEU D 46 -8.69 -15.28 -7.86
C LEU D 46 -9.49 -15.78 -6.65
N ALA D 47 -9.53 -17.10 -6.49
CA ALA D 47 -10.26 -17.70 -5.39
C ALA D 47 -9.35 -18.11 -4.25
N LEU D 48 -9.77 -17.79 -3.04
CA LEU D 48 -9.01 -18.13 -1.84
C LEU D 48 -9.94 -18.81 -0.87
N SER D 49 -9.65 -20.06 -0.52
CA SER D 49 -10.48 -20.79 0.42
C SER D 49 -10.06 -20.40 1.83
N GLU D 50 -10.77 -20.90 2.83
CA GLU D 50 -10.40 -20.58 4.20
C GLU D 50 -9.05 -21.22 4.48
N GLY D 51 -8.80 -22.37 3.88
CA GLY D 51 -7.52 -23.04 4.07
C GLY D 51 -6.43 -22.18 3.43
N ALA D 52 -6.77 -21.56 2.30
CA ALA D 52 -5.82 -20.71 1.60
C ALA D 52 -5.49 -19.55 2.52
N MSE D 53 -6.52 -18.91 3.07
CA MSE D 53 -6.30 -17.79 3.95
C MSE D 53 -5.53 -18.17 5.20
O MSE D 53 -4.78 -17.36 5.75
CB MSE D 53 -7.63 -17.14 4.32
CG MSE D 53 -8.25 -16.42 3.13
SE MSE D 53 -9.74 -15.35 3.63
CE MSE D 53 -10.77 -16.67 4.59
N LYS D 54 -5.70 -19.41 5.65
CA LYS D 54 -4.98 -19.88 6.83
C LYS D 54 -3.50 -20.09 6.47
N TYR D 55 -3.28 -20.82 5.38
CA TYR D 55 -1.92 -21.11 4.92
C TYR D 55 -1.13 -19.88 4.48
N GLY D 56 -1.76 -19.02 3.69
CA GLY D 56 -1.08 -17.83 3.19
C GLY D 56 -1.04 -16.64 4.12
N GLY D 57 -2.02 -16.52 5.02
CA GLY D 57 -2.03 -15.40 5.92
C GLY D 57 -2.12 -14.04 5.23
N ARG D 58 -1.76 -13.00 5.97
CA ARG D 58 -1.81 -11.64 5.46
C ARG D 58 -0.80 -11.46 4.33
N ALA D 59 0.17 -12.35 4.24
CA ALA D 59 1.15 -12.26 3.19
C ALA D 59 0.42 -12.51 1.86
N LEU D 60 -0.44 -13.53 1.84
CA LEU D 60 -1.20 -13.87 0.63
C LEU D 60 -2.32 -12.88 0.28
N THR D 61 -3.14 -12.54 1.25
CA THR D 61 -4.25 -11.63 0.98
C THR D 61 -3.80 -10.25 0.51
N ARG D 62 -2.73 -9.75 1.12
CA ARG D 62 -2.19 -8.46 0.74
C ARG D 62 -1.72 -8.52 -0.70
N MSE D 63 -0.96 -9.57 -1.01
CA MSE D 63 -0.43 -9.75 -2.35
C MSE D 63 -1.52 -9.92 -3.40
O MSE D 63 -1.55 -9.21 -4.40
CB MSE D 63 0.49 -10.97 -2.38
CG MSE D 63 1.01 -11.29 -3.77
SE MSE D 63 2.30 -12.72 -3.77
CE MSE D 63 3.90 -11.68 -3.55
N VAL D 64 -2.43 -10.87 -3.18
CA VAL D 64 -3.49 -11.11 -4.14
C VAL D 64 -4.25 -9.81 -4.46
N VAL D 65 -4.57 -9.04 -3.44
CA VAL D 65 -5.29 -7.78 -3.63
C VAL D 65 -4.45 -6.77 -4.39
N ALA D 66 -3.15 -6.71 -4.11
CA ALA D 66 -2.26 -5.78 -4.80
C ALA D 66 -2.08 -6.12 -6.27
N LEU D 67 -1.70 -7.36 -6.55
CA LEU D 67 -1.50 -7.81 -7.92
C LEU D 67 -2.78 -7.63 -8.74
N ALA D 68 -3.94 -7.87 -8.11
CA ALA D 68 -5.22 -7.72 -8.80
C ALA D 68 -5.47 -6.28 -9.25
N GLN D 69 -5.15 -5.32 -8.39
CA GLN D 69 -5.34 -3.90 -8.72
C GLN D 69 -4.46 -3.52 -9.90
N GLU D 70 -3.18 -3.87 -9.81
CA GLU D 70 -2.19 -3.58 -10.83
C GLU D 70 -2.41 -4.35 -12.13
N ALA D 71 -3.28 -5.34 -12.10
CA ALA D 71 -3.53 -6.14 -13.30
C ALA D 71 -4.10 -5.29 -14.42
N ARG D 72 -3.73 -5.61 -15.66
CA ARG D 72 -4.22 -4.88 -16.82
C ARG D 72 -5.49 -5.53 -17.39
N VAL D 73 -6.17 -6.29 -16.54
CA VAL D 73 -7.42 -6.94 -16.92
C VAL D 73 -8.31 -6.86 -15.68
N PRO D 74 -9.63 -6.98 -15.85
CA PRO D 74 -10.49 -6.93 -14.67
C PRO D 74 -10.19 -8.14 -13.81
N VAL D 75 -10.04 -7.93 -12.51
CA VAL D 75 -9.78 -9.02 -11.60
C VAL D 75 -10.62 -8.91 -10.34
N ALA D 76 -11.18 -10.04 -9.93
CA ALA D 76 -12.00 -10.10 -8.73
C ALA D 76 -11.27 -11.00 -7.73
N VAL D 77 -11.43 -10.73 -6.44
CA VAL D 77 -10.79 -11.54 -5.40
C VAL D 77 -11.89 -12.13 -4.51
N HIS D 78 -12.14 -13.43 -4.64
CA HIS D 78 -13.21 -14.11 -3.90
C HIS D 78 -12.83 -15.02 -2.73
N LEU D 79 -13.70 -15.04 -1.72
CA LEU D 79 -13.50 -15.83 -0.51
C LEU D 79 -14.31 -16.83 -1.33
N ASP D 80 -14.07 -18.12 -1.17
CA ASP D 80 -14.85 -19.13 -1.90
C ASP D 80 -15.16 -20.05 -0.71
N HIS D 81 -16.43 -20.44 -0.60
CA HIS D 81 -16.89 -21.35 0.46
C HIS D 81 -16.57 -20.93 1.90
N GLY D 82 -17.01 -19.76 2.30
CA GLY D 82 -16.78 -19.32 3.66
C GLY D 82 -17.60 -20.20 4.59
N SER D 83 -17.03 -20.54 5.75
CA SER D 83 -17.74 -21.42 6.67
C SER D 83 -18.41 -20.69 7.84
N SER D 84 -18.18 -19.39 7.95
CA SER D 84 -18.79 -18.60 9.03
C SER D 84 -18.90 -17.12 8.71
N TYR D 85 -19.74 -16.44 9.49
CA TYR D 85 -19.94 -15.00 9.33
C TYR D 85 -18.62 -14.29 9.69
N GLU D 86 -17.90 -14.82 10.67
CA GLU D 86 -16.62 -14.23 11.06
C GLU D 86 -15.62 -14.39 9.91
N SER D 87 -15.68 -15.51 9.22
CA SER D 87 -14.78 -15.78 8.10
C SER D 87 -14.99 -14.72 7.03
N VAL D 88 -16.24 -14.35 6.81
CA VAL D 88 -16.58 -13.36 5.81
C VAL D 88 -16.07 -11.99 6.23
N LEU D 89 -16.22 -11.68 7.52
CA LEU D 89 -15.75 -10.41 8.04
C LEU D 89 -14.26 -10.29 7.70
N LYS D 90 -13.50 -11.34 8.01
CA LYS D 90 -12.07 -11.34 7.73
C LYS D 90 -11.83 -11.07 6.25
N ALA D 91 -12.60 -11.71 5.38
CA ALA D 91 -12.44 -11.52 3.93
C ALA D 91 -12.70 -10.08 3.51
N LEU D 92 -13.67 -9.42 4.15
CA LEU D 92 -13.97 -8.02 3.84
C LEU D 92 -12.85 -7.13 4.37
N ARG D 93 -12.32 -7.51 5.53
CA ARG D 93 -11.23 -6.77 6.17
C ARG D 93 -9.96 -6.85 5.31
N GLU D 94 -9.74 -8.00 4.68
CA GLU D 94 -8.56 -8.18 3.84
C GLU D 94 -8.68 -7.62 2.43
N GLY D 95 -9.76 -6.87 2.17
CA GLY D 95 -9.92 -6.24 0.86
C GLY D 95 -10.55 -7.04 -0.25
N PHE D 96 -11.17 -8.17 0.09
CA PHE D 96 -11.81 -9.01 -0.91
C PHE D 96 -12.94 -8.24 -1.55
N THR D 97 -13.21 -8.54 -2.82
CA THR D 97 -14.26 -7.87 -3.55
C THR D 97 -15.51 -8.72 -3.75
N SER D 98 -15.48 -9.93 -3.20
CA SER D 98 -16.61 -10.84 -3.28
C SER D 98 -16.46 -11.95 -2.26
N VAL D 99 -17.56 -12.32 -1.62
CA VAL D 99 -17.53 -13.36 -0.60
C VAL D 99 -18.74 -14.28 -0.70
N MSE D 100 -18.61 -15.46 -0.11
CA MSE D 100 -19.70 -16.42 -0.10
C MSE D 100 -19.59 -17.29 1.14
O MSE D 100 -18.50 -17.72 1.51
CB MSE D 100 -19.66 -17.31 -1.34
CG MSE D 100 -18.59 -18.37 -1.31
SE MSE D 100 -19.13 -19.98 -2.25
CE MSE D 100 -18.00 -19.80 -3.80
N ILE D 101 -20.72 -17.54 1.78
CA ILE D 101 -20.74 -18.41 2.94
C ILE D 101 -21.48 -19.67 2.50
N ASP D 102 -20.89 -20.82 2.80
CA ASP D 102 -21.48 -22.09 2.43
C ASP D 102 -22.36 -22.65 3.54
N LYS D 103 -23.67 -22.54 3.36
CA LYS D 103 -24.62 -23.06 4.33
C LYS D 103 -25.64 -23.98 3.66
N SER D 104 -25.27 -24.49 2.49
CA SER D 104 -26.16 -25.39 1.75
C SER D 104 -26.48 -26.61 2.60
N HIS D 105 -25.47 -27.11 3.32
CA HIS D 105 -25.65 -28.27 4.18
C HIS D 105 -26.71 -28.05 5.26
N GLU D 106 -27.07 -26.78 5.50
CA GLU D 106 -28.08 -26.45 6.51
C GLU D 106 -29.47 -26.48 5.88
N ASP D 107 -30.51 -26.35 6.71
CA ASP D 107 -31.88 -26.32 6.18
C ASP D 107 -32.07 -25.00 5.44
N PHE D 108 -33.06 -24.96 4.55
CA PHE D 108 -33.35 -23.77 3.76
C PHE D 108 -33.34 -22.49 4.59
N GLU D 109 -34.12 -22.48 5.67
CA GLU D 109 -34.20 -21.30 6.52
C GLU D 109 -32.86 -20.88 7.10
N THR D 110 -32.09 -21.85 7.58
CA THR D 110 -30.77 -21.55 8.14
C THR D 110 -29.91 -20.95 7.03
N ASN D 111 -29.91 -21.60 5.87
CA ASN D 111 -29.13 -21.14 4.73
C ASN D 111 -29.49 -19.68 4.44
N VAL D 112 -30.78 -19.41 4.29
CA VAL D 112 -31.26 -18.07 4.00
C VAL D 112 -30.86 -17.05 5.07
N ARG D 113 -30.97 -17.42 6.34
CA ARG D 113 -30.61 -16.52 7.42
C ARG D 113 -29.12 -16.20 7.37
N GLU D 114 -28.31 -17.25 7.35
CA GLU D 114 -26.86 -17.11 7.30
C GLU D 114 -26.43 -16.27 6.08
N THR D 115 -26.93 -16.63 4.91
CA THR D 115 -26.60 -15.94 3.67
C THR D 115 -27.07 -14.50 3.65
N LYS D 116 -28.27 -14.25 4.13
CA LYS D 116 -28.81 -12.90 4.14
C LYS D 116 -27.96 -12.00 5.02
N ARG D 117 -27.43 -12.57 6.12
CA ARG D 117 -26.61 -11.80 7.04
C ARG D 117 -25.24 -11.49 6.43
N VAL D 118 -24.82 -12.29 5.46
CA VAL D 118 -23.56 -12.08 4.79
C VAL D 118 -23.75 -11.02 3.70
N VAL D 119 -24.89 -11.10 3.01
CA VAL D 119 -25.21 -10.16 1.95
C VAL D 119 -25.29 -8.74 2.50
N GLU D 120 -25.83 -8.62 3.71
CA GLU D 120 -25.98 -7.32 4.38
C GLU D 120 -24.66 -6.67 4.74
N ALA D 121 -23.71 -7.47 5.22
CA ALA D 121 -22.39 -6.95 5.60
C ALA D 121 -21.53 -6.63 4.38
N ALA D 122 -21.53 -7.53 3.40
CA ALA D 122 -20.74 -7.34 2.19
C ALA D 122 -21.26 -6.15 1.39
N HIS D 123 -22.57 -6.11 1.15
CA HIS D 123 -23.14 -5.00 0.40
C HIS D 123 -22.83 -3.67 1.10
N ALA D 124 -22.91 -3.66 2.43
CA ALA D 124 -22.63 -2.44 3.19
C ALA D 124 -21.27 -1.84 2.84
N VAL D 125 -20.38 -2.66 2.28
CA VAL D 125 -19.05 -2.19 1.91
C VAL D 125 -18.74 -2.33 0.41
N GLY D 126 -19.77 -2.52 -0.40
CA GLY D 126 -19.56 -2.65 -1.85
C GLY D 126 -19.01 -3.99 -2.36
N VAL D 127 -19.15 -5.03 -1.57
CA VAL D 127 -18.67 -6.35 -1.96
C VAL D 127 -19.87 -7.23 -2.30
N THR D 128 -19.79 -7.98 -3.39
CA THR D 128 -20.88 -8.84 -3.81
C THR D 128 -20.80 -10.24 -3.18
N VAL D 129 -21.90 -10.99 -3.22
CA VAL D 129 -21.88 -12.32 -2.63
C VAL D 129 -22.43 -13.46 -3.47
N GLU D 130 -21.77 -14.61 -3.37
CA GLU D 130 -22.17 -15.80 -4.07
C GLU D 130 -22.92 -16.64 -3.05
N ALA D 131 -24.02 -17.24 -3.47
CA ALA D 131 -24.81 -18.08 -2.58
C ALA D 131 -24.87 -19.48 -3.15
N GLU D 132 -24.86 -20.50 -2.28
CA GLU D 132 -24.89 -21.90 -2.72
C GLU D 132 -26.14 -22.59 -2.18
N LEU D 133 -26.78 -23.37 -3.05
CA LEU D 133 -27.97 -24.11 -2.69
C LEU D 133 -27.87 -25.49 -3.34
N GLY D 134 -27.61 -26.51 -2.53
CA GLY D 134 -27.49 -27.86 -3.08
C GLY D 134 -26.26 -28.59 -2.55
N ARG D 135 -25.90 -29.70 -3.18
CA ARG D 135 -24.74 -30.49 -2.76
C ARG D 135 -23.80 -30.80 -3.93
N LEU D 136 -22.50 -30.53 -3.74
CA LEU D 136 -21.50 -30.78 -4.76
C LEU D 136 -21.04 -32.24 -4.74
N LEU D 152 -30.27 -32.79 -5.43
CA LEU D 152 -29.87 -31.71 -6.33
C LEU D 152 -30.60 -30.41 -6.01
N THR D 153 -30.48 -29.44 -6.92
CA THR D 153 -31.10 -28.14 -6.76
C THR D 153 -32.39 -27.94 -7.56
N ASN D 154 -33.43 -27.47 -6.88
CA ASN D 154 -34.71 -27.23 -7.52
C ASN D 154 -34.74 -25.80 -8.07
N PRO D 155 -35.01 -25.65 -9.37
CA PRO D 155 -35.07 -24.34 -10.03
C PRO D 155 -35.96 -23.32 -9.35
N GLU D 156 -37.00 -23.79 -8.68
CA GLU D 156 -37.92 -22.88 -7.99
C GLU D 156 -37.39 -22.48 -6.63
N GLU D 157 -36.72 -23.41 -5.95
CA GLU D 157 -36.15 -23.11 -4.63
C GLU D 157 -35.10 -22.01 -4.77
N ALA D 158 -34.39 -22.03 -5.90
CA ALA D 158 -33.35 -21.05 -6.18
C ALA D 158 -33.97 -19.67 -6.24
N ARG D 159 -34.93 -19.49 -7.13
CA ARG D 159 -35.62 -18.21 -7.29
C ARG D 159 -36.01 -17.63 -5.94
N ILE D 160 -36.67 -18.43 -5.14
CA ILE D 160 -37.09 -18.00 -3.81
C ILE D 160 -35.88 -17.68 -2.95
N PHE D 161 -34.89 -18.57 -3.00
CA PHE D 161 -33.68 -18.42 -2.22
C PHE D 161 -33.01 -17.10 -2.54
N MSE D 162 -32.90 -16.81 -3.84
CA MSE D 162 -32.28 -15.59 -4.30
C MSE D 162 -33.07 -14.35 -3.91
O MSE D 162 -32.49 -13.37 -3.46
CB MSE D 162 -32.08 -15.62 -5.81
CG MSE D 162 -30.95 -16.55 -6.26
SE MSE D 162 -29.19 -15.93 -5.71
CE MSE D 162 -28.69 -14.99 -7.33
N GLU D 163 -34.39 -14.38 -4.08
CA GLU D 163 -35.20 -13.21 -3.74
C GLU D 163 -35.20 -12.93 -2.24
N ARG D 164 -35.06 -13.98 -1.42
CA ARG D 164 -35.05 -13.80 0.02
C ARG D 164 -33.70 -13.21 0.46
N THR D 165 -32.61 -13.83 0.01
CA THR D 165 -31.26 -13.36 0.34
C THR D 165 -30.76 -12.63 -0.90
N GLY D 166 -30.71 -11.30 -0.84
CA GLY D 166 -30.26 -10.53 -1.99
C GLY D 166 -28.88 -10.83 -2.53
N ALA D 167 -28.52 -12.11 -2.62
CA ALA D 167 -27.21 -12.49 -3.13
C ALA D 167 -27.03 -11.94 -4.55
N ASP D 168 -25.81 -11.98 -5.06
CA ASP D 168 -25.54 -11.45 -6.40
C ASP D 168 -25.41 -12.52 -7.48
N TYR D 169 -24.83 -13.66 -7.14
CA TYR D 169 -24.70 -14.76 -8.07
C TYR D 169 -24.93 -16.07 -7.31
N LEU D 170 -25.38 -17.09 -8.03
CA LEU D 170 -25.71 -18.37 -7.41
C LEU D 170 -25.00 -19.59 -7.99
N ALA D 171 -24.53 -20.45 -7.10
CA ALA D 171 -23.85 -21.69 -7.48
C ALA D 171 -24.87 -22.79 -7.29
N VAL D 172 -25.11 -23.57 -8.33
CA VAL D 172 -26.10 -24.63 -8.25
C VAL D 172 -25.53 -26.04 -8.32
N ALA D 173 -26.23 -26.97 -7.67
CA ALA D 173 -25.85 -28.38 -7.67
C ALA D 173 -26.52 -28.97 -8.90
N ILE D 174 -25.71 -29.27 -9.92
CA ILE D 174 -26.19 -29.80 -11.18
C ILE D 174 -25.69 -31.22 -11.44
N GLY D 175 -24.69 -31.66 -10.67
CA GLY D 175 -24.17 -32.99 -10.85
C GLY D 175 -22.66 -33.09 -10.69
N THR D 176 -22.01 -31.96 -10.41
CA THR D 176 -20.56 -31.96 -10.23
C THR D 176 -20.25 -32.21 -8.77
N SER D 177 -18.96 -32.20 -8.44
CA SER D 177 -18.50 -32.43 -7.07
C SER D 177 -17.01 -32.16 -7.00
N HIS D 178 -16.63 -31.23 -6.11
CA HIS D 178 -15.22 -30.87 -5.95
C HIS D 178 -14.34 -32.05 -5.53
N GLY D 179 -13.52 -32.52 -6.47
CA GLY D 179 -12.64 -33.64 -6.18
C GLY D 179 -12.02 -34.25 -7.43
N ALA D 180 -11.12 -35.21 -7.23
CA ALA D 180 -10.45 -35.87 -8.35
C ALA D 180 -11.23 -37.10 -8.81
N TYR D 181 -12.38 -37.34 -8.19
CA TYR D 181 -13.24 -38.46 -8.55
C TYR D 181 -14.71 -38.03 -8.56
N LYS D 182 -15.14 -37.48 -9.70
CA LYS D 182 -16.51 -37.01 -9.85
C LYS D 182 -17.40 -38.06 -10.51
N GLY D 183 -17.23 -39.31 -10.13
CA GLY D 183 -18.02 -40.39 -10.70
C GLY D 183 -17.13 -41.48 -11.31
N LYS D 184 -17.73 -42.34 -12.14
CA LYS D 184 -16.97 -43.40 -12.79
C LYS D 184 -16.82 -43.16 -14.29
N GLY D 185 -17.87 -43.46 -15.05
CA GLY D 185 -17.80 -43.25 -16.48
C GLY D 185 -17.63 -41.79 -16.82
N ARG D 186 -18.69 -41.02 -16.62
CA ARG D 186 -18.68 -39.59 -16.90
C ARG D 186 -19.52 -38.90 -15.82
N PRO D 187 -19.06 -37.72 -15.35
CA PRO D 187 -19.81 -36.99 -14.31
C PRO D 187 -21.11 -36.44 -14.87
N PHE D 188 -22.15 -36.41 -14.04
CA PHE D 188 -23.45 -35.91 -14.48
C PHE D 188 -23.58 -34.40 -14.50
N ILE D 189 -24.18 -33.88 -15.57
CA ILE D 189 -24.40 -32.45 -15.73
C ILE D 189 -25.81 -32.24 -16.27
N ASP D 190 -26.77 -32.13 -15.34
CA ASP D 190 -28.17 -31.95 -15.67
C ASP D 190 -28.45 -30.63 -16.39
N HIS D 191 -28.17 -30.58 -17.69
CA HIS D 191 -28.40 -29.37 -18.46
C HIS D 191 -29.84 -28.87 -18.39
N PRO D 192 -30.83 -29.79 -18.44
CA PRO D 192 -32.23 -29.35 -18.36
C PRO D 192 -32.49 -28.60 -17.06
N ARG D 193 -31.92 -29.11 -15.98
CA ARG D 193 -32.06 -28.51 -14.66
C ARG D 193 -31.44 -27.11 -14.67
N LEU D 194 -30.36 -26.96 -15.43
CA LEU D 194 -29.67 -25.67 -15.53
C LEU D 194 -30.55 -24.65 -16.25
N ALA D 195 -31.07 -25.04 -17.41
CA ALA D 195 -31.93 -24.14 -18.18
C ALA D 195 -33.11 -23.72 -17.33
N ARG D 196 -33.73 -24.67 -16.63
CA ARG D 196 -34.88 -24.39 -15.78
C ARG D 196 -34.57 -23.31 -14.75
N ILE D 197 -33.40 -23.43 -14.11
CA ILE D 197 -32.99 -22.46 -13.10
C ILE D 197 -32.55 -21.17 -13.79
N ALA D 198 -31.89 -21.32 -14.94
CA ALA D 198 -31.43 -20.16 -15.70
C ALA D 198 -32.64 -19.31 -16.11
N LYS D 199 -33.81 -19.94 -16.17
CA LYS D 199 -35.03 -19.26 -16.55
C LYS D 199 -35.64 -18.52 -15.36
N LEU D 200 -35.39 -19.03 -14.17
CA LEU D 200 -35.93 -18.43 -12.95
C LEU D 200 -34.92 -17.53 -12.22
N VAL D 201 -33.66 -17.63 -12.64
CA VAL D 201 -32.61 -16.82 -12.01
C VAL D 201 -31.80 -16.08 -13.07
N PRO D 202 -32.07 -14.78 -13.28
CA PRO D 202 -31.33 -14.00 -14.27
C PRO D 202 -29.91 -13.65 -13.82
N ALA D 203 -29.66 -13.75 -12.52
CA ALA D 203 -28.34 -13.47 -11.96
C ALA D 203 -27.37 -14.54 -12.46
N PRO D 204 -26.09 -14.17 -12.70
CA PRO D 204 -25.11 -15.14 -13.19
C PRO D 204 -24.98 -16.40 -12.32
N LEU D 205 -24.86 -17.55 -12.97
CA LEU D 205 -24.74 -18.82 -12.28
C LEU D 205 -23.31 -19.30 -12.14
N VAL D 206 -23.05 -20.03 -11.06
CA VAL D 206 -21.73 -20.54 -10.76
C VAL D 206 -21.66 -22.07 -10.74
N LEU D 207 -20.55 -22.62 -11.24
CA LEU D 207 -20.36 -24.06 -11.28
C LEU D 207 -19.11 -24.46 -10.46
N HIS D 208 -19.34 -25.14 -9.34
CA HIS D 208 -18.25 -25.59 -8.48
C HIS D 208 -17.88 -27.05 -8.71
N GLY D 209 -16.61 -27.36 -8.46
CA GLY D 209 -16.13 -28.72 -8.64
C GLY D 209 -16.18 -29.16 -10.09
N ALA D 210 -15.82 -28.26 -11.00
CA ALA D 210 -15.85 -28.57 -12.42
C ALA D 210 -14.50 -28.81 -13.06
N SER D 211 -13.59 -29.47 -12.32
CA SER D 211 -12.26 -29.76 -12.85
C SER D 211 -12.35 -30.79 -13.98
N ALA D 212 -11.42 -30.70 -14.92
CA ALA D 212 -11.39 -31.63 -16.06
C ALA D 212 -10.51 -32.84 -15.77
N VAL D 213 -9.74 -32.77 -14.69
CA VAL D 213 -8.85 -33.86 -14.30
C VAL D 213 -8.45 -34.68 -15.53
N PRO D 214 -7.78 -34.03 -16.50
CA PRO D 214 -7.32 -34.64 -17.75
C PRO D 214 -6.47 -35.91 -17.64
N GLN D 215 -6.69 -36.83 -18.56
CA GLN D 215 -5.98 -38.10 -18.63
C GLN D 215 -4.48 -37.90 -18.79
N GLU D 216 -4.12 -36.90 -19.59
CA GLU D 216 -2.73 -36.57 -19.84
C GLU D 216 -2.03 -36.16 -18.55
N LEU D 217 -2.69 -35.35 -17.75
CA LEU D 217 -2.13 -34.87 -16.49
C LEU D 217 -2.06 -36.03 -15.49
N VAL D 218 -3.09 -36.88 -15.47
CA VAL D 218 -3.08 -38.01 -14.56
C VAL D 218 -1.88 -38.89 -14.90
N GLU D 219 -1.66 -39.09 -16.19
CA GLU D 219 -0.55 -39.93 -16.64
C GLU D 219 0.79 -39.31 -16.27
N ARG D 220 0.93 -38.01 -16.52
CA ARG D 220 2.16 -37.30 -16.18
C ARG D 220 2.38 -37.38 -14.66
N PHE D 221 1.33 -37.16 -13.89
CA PHE D 221 1.49 -37.22 -12.44
C PHE D 221 2.08 -38.56 -12.02
N ARG D 222 1.53 -39.65 -12.55
CA ARG D 222 2.01 -40.99 -12.22
C ARG D 222 3.42 -41.29 -12.67
N ALA D 223 3.76 -40.89 -13.89
CA ALA D 223 5.11 -41.12 -14.44
C ALA D 223 6.18 -40.52 -13.53
N ALA D 224 5.82 -39.43 -12.85
CA ALA D 224 6.76 -38.77 -11.93
C ALA D 224 6.59 -39.29 -10.51
N GLY D 225 6.19 -40.55 -10.38
CA GLY D 225 5.97 -41.11 -9.05
C GLY D 225 4.65 -40.54 -8.60
N GLY D 226 4.18 -40.88 -7.42
CA GLY D 226 2.90 -40.31 -7.01
C GLY D 226 1.73 -41.10 -7.56
N GLU D 227 0.79 -41.42 -6.69
CA GLU D 227 -0.36 -42.20 -7.06
C GLU D 227 -1.64 -41.42 -7.04
N ILE D 228 -2.53 -41.75 -7.98
CA ILE D 228 -3.81 -41.09 -8.08
C ILE D 228 -4.85 -42.12 -8.51
N GLY D 229 -5.95 -42.15 -7.78
CA GLY D 229 -7.01 -43.11 -8.08
C GLY D 229 -7.60 -42.88 -9.45
N GLU D 230 -8.70 -43.58 -9.74
CA GLU D 230 -9.37 -43.43 -11.04
C GLU D 230 -9.90 -42.01 -11.18
N ALA D 231 -9.00 -41.10 -11.54
CA ALA D 231 -9.36 -39.70 -11.72
C ALA D 231 -10.53 -39.53 -12.67
N SER D 232 -11.45 -38.65 -12.29
CA SER D 232 -12.62 -38.36 -13.11
C SER D 232 -13.04 -36.92 -12.87
N GLY D 233 -13.22 -36.18 -13.96
CA GLY D 233 -13.62 -34.79 -13.86
C GLY D 233 -14.74 -34.49 -14.83
N ILE D 234 -15.13 -33.23 -14.94
CA ILE D 234 -16.20 -32.83 -15.85
C ILE D 234 -15.71 -32.75 -17.28
N HIS D 235 -16.61 -33.03 -18.21
CA HIS D 235 -16.31 -33.03 -19.64
C HIS D 235 -16.39 -31.62 -20.24
N PRO D 236 -15.54 -31.32 -21.25
CA PRO D 236 -15.50 -30.02 -21.92
C PRO D 236 -16.83 -29.58 -22.53
N GLU D 237 -17.47 -30.47 -23.27
CA GLU D 237 -18.73 -30.16 -23.92
C GLU D 237 -19.78 -29.73 -22.89
N ASP D 238 -19.78 -30.40 -21.74
CA ASP D 238 -20.71 -30.08 -20.67
C ASP D 238 -20.47 -28.66 -20.18
N ILE D 239 -19.20 -28.26 -20.13
CA ILE D 239 -18.86 -26.92 -19.70
C ILE D 239 -19.37 -25.95 -20.77
N LYS D 240 -19.08 -26.28 -22.02
CA LYS D 240 -19.50 -25.44 -23.15
C LYS D 240 -21.00 -25.19 -23.14
N LYS D 241 -21.76 -26.24 -22.85
CA LYS D 241 -23.21 -26.18 -22.82
C LYS D 241 -23.72 -25.50 -21.54
N ALA D 242 -23.07 -25.82 -20.42
CA ALA D 242 -23.44 -25.24 -19.13
C ALA D 242 -23.27 -23.72 -19.20
N ILE D 243 -22.17 -23.29 -19.80
CA ILE D 243 -21.90 -21.87 -19.95
C ILE D 243 -23.00 -21.23 -20.81
N SER D 244 -23.19 -21.78 -22.01
CA SER D 244 -24.20 -21.26 -22.93
C SER D 244 -25.56 -21.13 -22.26
N LEU D 245 -25.83 -22.02 -21.31
CA LEU D 245 -27.10 -22.01 -20.58
C LEU D 245 -27.15 -21.01 -19.43
N GLY D 246 -26.01 -20.38 -19.10
CA GLY D 246 -26.03 -19.41 -18.03
C GLY D 246 -24.90 -19.46 -17.00
N ILE D 247 -24.08 -20.50 -17.01
CA ILE D 247 -22.96 -20.57 -16.06
C ILE D 247 -21.96 -19.50 -16.46
N ALA D 248 -21.70 -18.55 -15.55
CA ALA D 248 -20.78 -17.46 -15.81
C ALA D 248 -19.48 -17.54 -15.02
N LYS D 249 -19.43 -18.41 -14.02
CA LYS D 249 -18.22 -18.58 -13.21
C LYS D 249 -17.98 -20.06 -12.95
N ILE D 250 -16.78 -20.53 -13.28
CA ILE D 250 -16.41 -21.93 -13.11
C ILE D 250 -15.21 -22.04 -12.19
N ASN D 251 -15.41 -22.55 -10.97
CA ASN D 251 -14.30 -22.69 -10.03
C ASN D 251 -13.32 -23.73 -10.52
N THR D 252 -12.03 -23.44 -10.38
CA THR D 252 -10.97 -24.35 -10.83
C THR D 252 -9.87 -24.45 -9.77
N ASP D 253 -9.54 -25.66 -9.34
CA ASP D 253 -8.50 -25.85 -8.34
C ASP D 253 -7.70 -27.15 -8.52
N THR D 254 -8.39 -28.27 -8.34
CA THR D 254 -7.76 -29.60 -8.47
C THR D 254 -6.75 -29.72 -9.60
N ASP D 255 -7.18 -29.36 -10.81
CA ASP D 255 -6.30 -29.45 -11.97
C ASP D 255 -5.02 -28.64 -11.81
N LEU D 256 -5.10 -27.55 -11.07
CA LEU D 256 -3.94 -26.69 -10.88
C LEU D 256 -2.96 -27.35 -9.93
N ARG D 257 -3.45 -27.86 -8.80
CA ARG D 257 -2.58 -28.51 -7.84
C ARG D 257 -1.88 -29.69 -8.51
N LEU D 258 -2.62 -30.46 -9.31
CA LEU D 258 -2.07 -31.61 -10.01
C LEU D 258 -0.90 -31.29 -10.91
N ALA D 259 -1.11 -30.32 -11.79
CA ALA D 259 -0.06 -29.91 -12.72
C ALA D 259 1.16 -29.44 -11.94
N PHE D 260 0.94 -28.58 -10.95
CA PHE D 260 2.04 -28.05 -10.15
C PHE D 260 2.82 -29.19 -9.52
N THR D 261 2.12 -30.07 -8.79
CA THR D 261 2.78 -31.18 -8.12
C THR D 261 3.37 -32.14 -9.12
N ALA D 262 2.67 -32.36 -10.22
CA ALA D 262 3.19 -33.26 -11.26
C ALA D 262 4.58 -32.79 -11.64
N LEU D 263 4.75 -31.49 -11.86
CA LEU D 263 6.05 -30.97 -12.25
C LEU D 263 7.09 -30.95 -11.13
N VAL D 264 6.67 -30.58 -9.93
CA VAL D 264 7.63 -30.60 -8.83
C VAL D 264 8.24 -32.00 -8.74
N ARG D 265 7.40 -33.03 -8.85
CA ARG D 265 7.85 -34.42 -8.76
C ARG D 265 8.87 -34.84 -9.81
N GLU D 266 8.51 -34.71 -11.09
CA GLU D 266 9.42 -35.14 -12.14
C GLU D 266 10.71 -34.34 -12.17
N THR D 267 10.66 -33.05 -11.79
CA THR D 267 11.88 -32.24 -11.77
C THR D 267 12.81 -32.77 -10.68
N LEU D 268 12.25 -33.02 -9.50
CA LEU D 268 13.03 -33.53 -8.38
C LEU D 268 13.48 -34.99 -8.59
N GLY D 269 12.68 -35.76 -9.32
CA GLY D 269 13.04 -37.14 -9.57
C GLY D 269 14.14 -37.23 -10.62
N LYS D 270 14.07 -36.35 -11.63
CA LYS D 270 15.06 -36.34 -12.70
C LYS D 270 16.28 -35.49 -12.36
N ASN D 271 16.30 -34.94 -11.16
CA ASN D 271 17.41 -34.10 -10.72
C ASN D 271 17.57 -34.19 -9.21
N PRO D 272 18.11 -35.31 -8.72
CA PRO D 272 18.31 -35.53 -7.28
C PRO D 272 19.16 -34.48 -6.57
N LYS D 273 20.17 -33.97 -7.26
CA LYS D 273 21.08 -32.97 -6.68
C LYS D 273 20.42 -31.60 -6.53
N GLU D 274 19.25 -31.43 -7.13
CA GLU D 274 18.53 -30.16 -7.11
C GLU D 274 17.88 -29.73 -5.81
N PHE D 275 18.41 -28.69 -5.18
CA PHE D 275 17.80 -28.17 -3.96
C PHE D 275 17.48 -26.68 -4.04
N ASP D 276 17.55 -26.12 -5.24
CA ASP D 276 17.21 -24.72 -5.46
C ASP D 276 15.70 -24.70 -5.72
N PRO D 277 14.92 -24.18 -4.77
CA PRO D 277 13.46 -24.10 -4.90
C PRO D 277 12.89 -23.61 -6.23
N ARG D 278 13.47 -22.55 -6.80
CA ARG D 278 12.94 -22.04 -8.06
C ARG D 278 13.13 -23.00 -9.24
N LYS D 279 14.07 -23.94 -9.12
CA LYS D 279 14.30 -24.91 -10.19
C LYS D 279 13.16 -25.92 -10.32
N TYR D 280 12.46 -26.19 -9.22
CA TYR D 280 11.33 -27.12 -9.30
C TYR D 280 9.97 -26.44 -9.16
N LEU D 281 9.95 -25.26 -8.53
CA LEU D 281 8.71 -24.52 -8.38
C LEU D 281 8.43 -23.66 -9.63
N GLY D 282 9.50 -23.26 -10.30
CA GLY D 282 9.37 -22.44 -11.50
C GLY D 282 8.67 -23.20 -12.61
N PRO D 283 9.22 -24.35 -13.04
CA PRO D 283 8.56 -25.08 -14.11
C PRO D 283 7.15 -25.51 -13.65
N ALA D 284 6.97 -25.65 -12.33
CA ALA D 284 5.66 -26.01 -11.79
C ALA D 284 4.72 -24.83 -11.96
N ARG D 285 5.25 -23.62 -11.75
CA ARG D 285 4.45 -22.42 -11.91
C ARG D 285 4.03 -22.33 -13.37
N GLU D 286 4.95 -22.69 -14.26
CA GLU D 286 4.72 -22.66 -15.70
C GLU D 286 3.56 -23.56 -16.10
N ALA D 287 3.53 -24.77 -15.56
CA ALA D 287 2.47 -25.73 -15.86
C ALA D 287 1.10 -25.20 -15.45
N VAL D 288 1.04 -24.52 -14.30
CA VAL D 288 -0.23 -23.96 -13.82
C VAL D 288 -0.70 -22.85 -14.75
N LYS D 289 0.25 -22.05 -15.22
CA LYS D 289 -0.12 -20.96 -16.13
C LYS D 289 -0.73 -21.56 -17.40
N GLU D 290 -0.13 -22.64 -17.90
CA GLU D 290 -0.63 -23.27 -19.12
C GLU D 290 -2.03 -23.87 -18.91
N VAL D 291 -2.25 -24.51 -17.78
CA VAL D 291 -3.58 -25.07 -17.51
C VAL D 291 -4.59 -23.93 -17.48
N VAL D 292 -4.22 -22.82 -16.84
CA VAL D 292 -5.11 -21.67 -16.74
C VAL D 292 -5.47 -21.12 -18.11
N LYS D 293 -4.47 -21.02 -18.98
CA LYS D 293 -4.74 -20.53 -20.33
C LYS D 293 -5.72 -21.41 -21.07
N SER D 294 -5.47 -22.72 -21.10
CA SER D 294 -6.38 -23.62 -21.82
C SER D 294 -7.75 -23.63 -21.14
N ARG D 295 -7.77 -23.34 -19.85
CA ARG D 295 -9.00 -23.30 -19.09
C ARG D 295 -9.81 -22.08 -19.54
N MSE D 296 -9.12 -20.99 -19.83
CA MSE D 296 -9.76 -19.75 -20.26
C MSE D 296 -10.31 -19.91 -21.67
O MSE D 296 -11.35 -19.36 -22.00
CB MSE D 296 -8.76 -18.59 -20.23
CG MSE D 296 -8.21 -18.32 -18.83
SE MSE D 296 -6.86 -16.94 -18.76
CE MSE D 296 -7.49 -16.07 -17.15
N GLU D 297 -9.60 -20.68 -22.51
CA GLU D 297 -10.05 -20.93 -23.88
C GLU D 297 -11.39 -21.65 -23.80
N LEU D 298 -11.41 -22.74 -23.04
CA LEU D 298 -12.61 -23.54 -22.85
C LEU D 298 -13.81 -22.70 -22.42
N PHE D 299 -13.61 -21.81 -21.45
CA PHE D 299 -14.70 -20.98 -20.96
C PHE D 299 -15.11 -19.87 -21.92
N GLY D 300 -14.23 -19.54 -22.85
CA GLY D 300 -14.51 -18.50 -23.81
C GLY D 300 -14.26 -17.08 -23.32
N SER D 301 -13.36 -16.92 -22.35
CA SER D 301 -13.05 -15.60 -21.81
C SER D 301 -11.82 -14.93 -22.43
N VAL D 302 -11.20 -15.60 -23.39
CA VAL D 302 -10.02 -15.03 -24.03
C VAL D 302 -10.43 -13.75 -24.75
N GLY D 303 -9.55 -12.76 -24.73
CA GLY D 303 -9.83 -11.50 -25.39
C GLY D 303 -11.12 -10.84 -24.93
N ARG D 304 -11.51 -11.08 -23.69
CA ARG D 304 -12.74 -10.49 -23.17
C ARG D 304 -12.51 -9.34 -22.21
N ALA D 305 -11.26 -9.10 -21.82
CA ALA D 305 -10.95 -8.03 -20.88
C ALA D 305 -11.34 -6.65 -21.41
P 13P E . -14.50 18.82 20.77
O1P 13P E . -15.56 19.61 19.84
O2P 13P E . -14.68 19.39 22.23
O3P 13P E . -13.06 19.12 20.27
O1 13P E . -14.82 17.25 20.67
C1 13P E . -13.74 16.32 20.75
C2 13P E . -14.38 14.97 20.91
O2 13P E . -15.20 14.81 21.81
C3 13P E . -14.01 13.81 19.99
O3 13P E . -14.83 12.67 20.27
P 13P F . 0.53 27.92 -15.03
O1P 13P F . -0.75 27.25 -14.36
O2P 13P F . 1.02 29.04 -14.03
O3P 13P F . 0.10 28.56 -16.38
O1 13P F . 1.65 26.78 -15.27
C1 13P F . 1.38 25.42 -14.88
C2 13P F . 2.56 24.59 -15.34
O2 13P F . 2.77 24.45 -16.53
C3 13P F . 3.49 23.89 -14.33
O3 13P F . 4.44 23.09 -15.00
P 13P G . 25.55 -19.33 1.20
O1P 13P G . 24.12 -19.50 1.87
O2P 13P G . 25.53 -20.18 -0.13
O3P 13P G . 26.62 -19.90 2.17
O1 13P G . 25.83 -17.76 0.95
C1 13P G . 24.93 -16.77 1.45
C2 13P G . 25.47 -15.43 0.98
O2 13P G . 26.18 -14.77 1.75
C3 13P G . 25.15 -14.87 -0.42
O3 13P G . 25.49 -13.51 -0.51
P 13P H . -12.26 -28.31 -8.10
O1P 13P H . -11.33 -29.45 -7.50
O2P 13P H . -13.55 -29.04 -8.65
O3P 13P H . -11.51 -27.63 -9.28
O1 13P H . -12.58 -27.26 -6.92
C1 13P H . -13.14 -25.98 -7.24
C2 13P H . -14.21 -25.70 -6.20
O2 13P H . -15.21 -26.43 -6.15
C3 13P H . -14.09 -24.54 -5.21
O3 13P H . -15.18 -24.51 -4.32
#